data_4IDJ
#
_entry.id   4IDJ
#
_cell.length_a   130.188
_cell.length_b   130.188
_cell.length_c   308.336
_cell.angle_alpha   90.000
_cell.angle_beta   90.000
_cell.angle_gamma   120.000
#
_symmetry.space_group_name_H-M   'P 63 2 2'
#
loop_
_entity.id
_entity.type
_entity.pdbx_description
1 polymer Alpha-hemolysin
2 polymer 'Fab Heavy chain'
3 polymer 'Fab Light chain'
4 non-polymer 'SULFATE ION'
#
loop_
_entity_poly.entity_id
_entity_poly.type
_entity_poly.pdbx_seq_one_letter_code
_entity_poly.pdbx_strand_id
1 'polypeptide(L)'
;GSADSDINIKTGTTDIGSNTTVKTGDLVTYDKENGMLKKVFYSFIDDKNHNKKLLVIRTKGTIAGQYRVYSEEGANKSGL
AWPSAFKVQLQLPDNEVAQISDYYPRNSIDTKEYMSTLTYGFNGNVTGDDTGKIGGLIGANVSIGHTLKYVQPDFKTILE
SPTDKKVGWKVIFNNMVNQNWGPYDRDSWNPVYGNQLFMKTRNGSMKAADNFLDPNKASSLLSSGFSPDFATVITMDRKA
SKQQTNIDVIYERVRDDYQLHWTSTNWKGTNTKDKWTDRSSERYKIDWEKEEMTN
;
A
2 'polypeptide(L)'
;QVQLVQSGAEVKKPGSSVKVSCKTSGGTFNNVAINWVRQAPGQGLEWMGGIIPGLDTPNYAQKFQGRVTITADKSTTSTY
LELSSLRSDDTAVYYCAREMEVSGRWRPTEAFEIWGQGTMVTVSSASTKGPSVFPLAPCSRSTSESTAALGCLVKDYFPE
PVTVSWNSGALTSGVHTFPAVLQSSGLYSLSSVVTVPSSNFGTQTYTCNVDHKPSNTKVDKTVERKAAAHHHHHHHHHH
;
H
3 'polypeptide(L)'
;ETTLTQSPGTLSLSPGERATLSCRASQTISNNFVAWYQQKPGQAPRLLIYGASTRATGIPDRFSGSGSGTDFTLTISSLE
PEDFAVYYCQQYGSSPYTFGQGTKVDIKRADAAPTVSIFPPSSEQLTSGGASVVCFLNNFYPKDINVKWKIDGSERQNGV
LNSWTDQDSKDSTYSMSSTLTLTKDEYERHNSYTCEATHKTSTSPIVKSFNRNEC
;
L
#
# COMPACT_ATOMS: atom_id res chain seq x y z
N ILE A 9 -9.48 36.41 17.68
CA ILE A 9 -9.11 36.80 19.07
C ILE A 9 -9.43 38.29 19.38
N LYS A 10 -9.66 39.10 18.34
CA LYS A 10 -9.98 40.54 18.51
C LYS A 10 -11.47 40.87 18.22
N THR A 11 -12.05 40.22 17.21
CA THR A 11 -13.38 40.56 16.66
C THR A 11 -13.39 41.97 16.05
N GLY A 12 -13.07 42.03 14.76
CA GLY A 12 -12.86 43.31 14.06
C GLY A 12 -14.14 44.05 13.73
N THR A 13 -14.04 45.38 13.66
CA THR A 13 -15.21 46.26 13.62
C THR A 13 -15.08 47.33 12.53
N THR A 14 -16.18 47.59 11.84
CA THR A 14 -16.37 48.82 11.08
C THR A 14 -17.71 49.39 11.59
N ASP A 15 -18.14 50.54 11.07
CA ASP A 15 -19.44 51.09 11.48
C ASP A 15 -20.03 52.08 10.47
N ILE A 16 -21.36 52.03 10.30
CA ILE A 16 -22.08 52.85 9.32
C ILE A 16 -23.53 53.09 9.77
N GLY A 17 -23.81 54.20 10.43
CA GLY A 17 -22.81 55.17 10.86
C GLY A 17 -23.48 56.02 11.92
N SER A 18 -23.03 55.89 13.16
CA SER A 18 -23.71 56.43 14.35
C SER A 18 -25.09 55.77 14.59
N ASN A 19 -25.47 54.86 13.69
CA ASN A 19 -26.61 53.99 13.88
C ASN A 19 -26.06 52.67 14.36
N THR A 20 -25.22 52.07 13.52
CA THR A 20 -24.78 50.69 13.69
C THR A 20 -23.26 50.60 13.85
N THR A 21 -22.79 49.39 14.13
CA THR A 21 -21.36 49.07 14.21
C THR A 21 -21.15 47.59 13.89
N VAL A 22 -20.47 47.30 12.79
CA VAL A 22 -20.36 45.94 12.25
C VAL A 22 -19.15 45.16 12.80
N LYS A 23 -19.38 44.42 13.90
CA LYS A 23 -18.37 43.53 14.47
C LYS A 23 -18.28 42.26 13.62
N THR A 24 -17.18 42.13 12.87
CA THR A 24 -17.01 41.06 11.86
C THR A 24 -15.80 40.14 12.14
N GLY A 25 -16.01 38.85 11.86
CA GLY A 25 -14.97 37.85 12.06
C GLY A 25 -15.16 36.62 11.17
N ASP A 26 -14.19 35.72 11.22
CA ASP A 26 -14.17 34.54 10.37
C ASP A 26 -13.67 33.31 11.14
N LEU A 27 -14.28 32.16 10.86
CA LEU A 27 -14.06 30.94 11.62
C LEU A 27 -13.94 29.76 10.65
N VAL A 28 -12.71 29.34 10.37
CA VAL A 28 -12.43 28.26 9.42
C VAL A 28 -12.15 26.94 10.14
N THR A 29 -12.49 25.82 9.50
CA THR A 29 -12.05 24.49 9.95
C THR A 29 -11.91 23.57 8.75
N TYR A 30 -10.79 22.84 8.67
CA TYR A 30 -10.50 21.95 7.53
C TYR A 30 -10.74 20.46 7.88
N ASP A 31 -11.94 19.95 7.57
CA ASP A 31 -12.29 18.55 7.83
C ASP A 31 -11.63 17.65 6.79
N LYS A 32 -10.37 17.30 7.05
CA LYS A 32 -9.57 16.50 6.13
C LYS A 32 -10.17 15.10 5.92
N GLU A 33 -10.83 14.56 6.94
CA GLU A 33 -11.38 13.22 6.87
C GLU A 33 -12.66 13.13 6.00
N ASN A 34 -13.30 14.27 5.74
CA ASN A 34 -14.48 14.32 4.86
C ASN A 34 -14.24 15.11 3.56
N GLY A 35 -13.00 15.57 3.37
CA GLY A 35 -12.64 16.37 2.19
C GLY A 35 -13.49 17.62 2.10
N MET A 36 -13.40 18.46 3.13
CA MET A 36 -14.20 19.68 3.23
C MET A 36 -13.41 20.77 3.94
N LEU A 37 -13.47 21.98 3.40
CA LEU A 37 -12.93 23.16 4.08
C LEU A 37 -14.11 24.05 4.41
N LYS A 38 -14.58 23.99 5.65
CA LYS A 38 -15.65 24.88 6.06
C LYS A 38 -15.06 26.28 6.35
N LYS A 39 -15.59 27.31 5.67
CA LYS A 39 -15.29 28.70 5.99
C LYS A 39 -16.57 29.37 6.43
N VAL A 40 -16.62 29.82 7.68
CA VAL A 40 -17.82 30.44 8.24
C VAL A 40 -17.54 31.87 8.70
N PHE A 41 -18.05 32.85 7.95
CA PHE A 41 -17.84 34.26 8.26
C PHE A 41 -19.09 34.78 8.95
N TYR A 42 -18.91 35.72 9.86
CA TYR A 42 -20.03 36.31 10.59
C TYR A 42 -19.91 37.82 10.72
N SER A 43 -21.07 38.48 10.83
CA SER A 43 -21.14 39.92 10.95
C SER A 43 -22.25 40.25 11.95
N PHE A 44 -21.88 40.95 13.02
CA PHE A 44 -22.87 41.44 13.99
C PHE A 44 -23.31 42.85 13.60
N ILE A 45 -24.62 43.12 13.70
CA ILE A 45 -25.16 44.45 13.41
C ILE A 45 -25.80 45.05 14.67
N ASP A 46 -25.47 46.32 14.94
CA ASP A 46 -25.84 46.98 16.19
C ASP A 46 -26.58 48.31 15.92
N ASP A 47 -27.65 48.27 15.13
CA ASP A 47 -28.44 49.47 14.84
C ASP A 47 -29.24 49.88 16.07
N LYS A 48 -28.72 50.89 16.78
CA LYS A 48 -29.32 51.36 18.03
C LYS A 48 -30.78 51.78 17.87
N ASN A 49 -31.13 52.29 16.69
CA ASN A 49 -32.51 52.67 16.38
C ASN A 49 -33.45 51.47 16.50
N HIS A 50 -33.12 50.38 15.79
CA HIS A 50 -33.90 49.15 15.86
C HIS A 50 -33.67 48.47 17.21
N ASN A 51 -34.68 47.71 17.64
CA ASN A 51 -34.68 47.06 18.96
C ASN A 51 -33.90 45.74 19.06
N LYS A 52 -33.61 45.11 17.92
CA LYS A 52 -32.94 43.79 17.90
C LYS A 52 -31.51 43.83 17.34
N LYS A 53 -30.71 42.83 17.69
CA LYS A 53 -29.38 42.65 17.14
C LYS A 53 -29.44 41.66 15.98
N LEU A 54 -28.74 41.95 14.88
CA LEU A 54 -28.71 41.07 13.70
C LEU A 54 -27.35 40.38 13.56
N LEU A 55 -27.36 39.07 13.32
CA LEU A 55 -26.14 38.33 13.00
C LEU A 55 -26.32 37.69 11.65
N VAL A 56 -25.41 38.01 10.73
CA VAL A 56 -25.43 37.47 9.39
C VAL A 56 -24.28 36.48 9.23
N ILE A 57 -24.64 35.20 9.17
CA ILE A 57 -23.69 34.09 9.04
C ILE A 57 -23.52 33.68 7.58
N ARG A 58 -22.34 33.98 7.04
CA ARG A 58 -22.01 33.63 5.66
C ARG A 58 -21.22 32.32 5.66
N THR A 59 -21.77 31.29 5.02
CA THR A 59 -21.18 29.94 5.04
C THR A 59 -20.48 29.66 3.72
N LYS A 60 -19.23 30.10 3.62
CA LYS A 60 -18.44 29.88 2.42
C LYS A 60 -17.63 28.57 2.55
N GLY A 61 -16.57 28.42 1.75
CA GLY A 61 -15.71 27.23 1.82
C GLY A 61 -15.99 26.26 0.70
N THR A 62 -15.32 25.12 0.72
CA THR A 62 -15.38 24.18 -0.39
C THR A 62 -15.55 22.73 0.05
N ILE A 63 -16.55 22.06 -0.53
CA ILE A 63 -16.71 20.62 -0.39
C ILE A 63 -16.14 19.98 -1.65
N ALA A 64 -15.18 19.06 -1.47
CA ALA A 64 -14.59 18.33 -2.57
C ALA A 64 -15.61 17.31 -3.09
N GLY A 65 -15.66 17.13 -4.41
CA GLY A 65 -16.66 16.25 -5.04
C GLY A 65 -16.44 14.76 -4.81
N GLN A 66 -15.19 14.34 -4.86
CA GLN A 66 -14.80 12.95 -4.59
C GLN A 66 -15.49 11.95 -5.53
N TYR A 67 -15.43 12.28 -6.83
CA TYR A 67 -15.73 11.38 -7.94
C TYR A 67 -14.62 10.35 -7.98
N ARG A 68 -14.95 9.07 -7.95
CA ARG A 68 -13.92 8.03 -7.99
C ARG A 68 -14.41 6.68 -8.54
N VAL A 69 -13.72 6.17 -9.57
CA VAL A 69 -13.87 4.77 -9.97
C VAL A 69 -13.05 3.97 -8.96
N TYR A 70 -13.74 3.10 -8.22
CA TYR A 70 -13.25 2.60 -6.93
C TYR A 70 -12.84 1.13 -6.89
N SER A 71 -13.32 0.32 -7.82
CA SER A 71 -12.89 -1.05 -7.88
C SER A 71 -13.08 -1.63 -9.26
N GLU A 72 -12.52 -2.80 -9.45
CA GLU A 72 -12.66 -3.51 -10.70
C GLU A 72 -13.02 -4.96 -10.39
N GLU A 73 -14.23 -5.36 -10.78
CA GLU A 73 -14.69 -6.75 -10.64
C GLU A 73 -14.45 -7.50 -11.96
N GLY A 74 -13.18 -7.65 -12.33
CA GLY A 74 -12.83 -8.18 -13.64
C GLY A 74 -13.01 -7.09 -14.67
N ALA A 75 -12.80 -7.43 -15.94
CA ALA A 75 -12.84 -6.45 -17.03
C ALA A 75 -14.22 -6.34 -17.65
N ASN A 76 -15.25 -6.72 -16.91
CA ASN A 76 -16.62 -6.55 -17.36
C ASN A 76 -17.53 -5.84 -16.36
N LYS A 77 -17.06 -5.60 -15.14
CA LYS A 77 -17.78 -4.78 -14.18
C LYS A 77 -16.81 -3.76 -13.58
N SER A 78 -17.33 -2.57 -13.26
CA SER A 78 -16.56 -1.55 -12.53
C SER A 78 -17.50 -0.50 -11.93
N GLY A 79 -17.19 -0.04 -10.72
CA GLY A 79 -18.03 0.92 -10.02
C GLY A 79 -17.45 2.32 -9.93
N LEU A 80 -18.31 3.32 -10.12
CA LEU A 80 -17.94 4.72 -10.00
C LEU A 80 -18.73 5.33 -8.83
N ALA A 81 -18.04 6.08 -7.99
CA ALA A 81 -18.68 6.85 -6.92
C ALA A 81 -18.64 8.32 -7.33
N TRP A 82 -19.79 8.96 -7.31
CA TRP A 82 -19.88 10.36 -7.74
C TRP A 82 -20.84 11.19 -6.87
N PRO A 83 -20.52 12.48 -6.68
CA PRO A 83 -21.35 13.38 -5.88
C PRO A 83 -22.65 13.81 -6.55
N SER A 84 -23.77 13.35 -6.01
CA SER A 84 -25.08 13.68 -6.53
C SER A 84 -25.81 14.68 -5.64
N ALA A 85 -25.11 15.21 -4.64
CA ALA A 85 -25.69 16.21 -3.75
C ALA A 85 -24.61 16.93 -2.94
N PHE A 86 -24.92 18.16 -2.54
CA PHE A 86 -24.20 18.85 -1.47
C PHE A 86 -25.22 19.61 -0.65
N LYS A 87 -25.00 19.71 0.65
CA LYS A 87 -25.85 20.53 1.53
C LYS A 87 -25.01 21.39 2.46
N VAL A 88 -25.63 22.45 2.96
CA VAL A 88 -25.13 23.19 4.10
C VAL A 88 -26.40 23.53 4.87
N GLN A 89 -26.38 23.33 6.18
CA GLN A 89 -27.57 23.55 6.98
C GLN A 89 -27.24 24.20 8.29
N LEU A 90 -28.00 25.24 8.62
CA LEU A 90 -27.91 25.90 9.91
C LEU A 90 -29.17 25.52 10.68
N GLN A 91 -29.04 25.46 12.01
CA GLN A 91 -30.14 24.96 12.84
C GLN A 91 -29.93 25.29 14.31
N LEU A 92 -30.85 26.08 14.86
CA LEU A 92 -30.81 26.43 16.28
C LEU A 92 -31.56 25.37 17.07
N PRO A 93 -31.27 25.26 18.37
CA PRO A 93 -31.98 24.31 19.23
C PRO A 93 -33.43 24.70 19.51
N ASP A 94 -34.23 23.71 19.92
CA ASP A 94 -35.69 23.85 20.08
C ASP A 94 -36.09 24.89 21.12
N ASN A 95 -35.40 24.87 22.26
CA ASN A 95 -35.70 25.77 23.37
C ASN A 95 -35.30 27.24 23.18
N GLU A 96 -34.42 27.53 22.21
CA GLU A 96 -33.74 28.84 22.15
C GLU A 96 -34.58 29.97 21.56
N VAL A 97 -34.42 31.16 22.13
CA VAL A 97 -35.25 32.34 21.80
C VAL A 97 -34.81 33.13 20.57
N ALA A 98 -33.61 32.86 20.07
CA ALA A 98 -33.16 33.46 18.81
C ALA A 98 -33.93 32.87 17.62
N GLN A 99 -34.07 33.67 16.55
CA GLN A 99 -34.85 33.27 15.36
C GLN A 99 -34.12 33.58 14.06
N ILE A 100 -34.29 32.69 13.08
CA ILE A 100 -33.75 32.92 11.72
C ILE A 100 -34.61 33.96 11.01
N SER A 101 -34.06 35.16 10.88
CA SER A 101 -34.80 36.26 10.26
C SER A 101 -34.89 36.09 8.75
N ASP A 102 -33.74 36.10 8.10
CA ASP A 102 -33.67 36.14 6.65
C ASP A 102 -32.66 35.09 6.18
N TYR A 103 -32.69 34.76 4.90
CA TYR A 103 -31.71 33.84 4.32
C TYR A 103 -31.59 34.03 2.81
N TYR A 104 -30.40 33.78 2.28
CA TYR A 104 -30.11 33.96 0.85
C TYR A 104 -29.18 32.85 0.39
N PRO A 105 -29.51 32.19 -0.75
CA PRO A 105 -30.62 32.43 -1.66
C PRO A 105 -31.97 32.14 -1.05
N ARG A 106 -32.97 32.86 -1.51
CA ARG A 106 -34.30 32.85 -0.89
C ARG A 106 -35.27 31.89 -1.56
N ASN A 107 -35.08 31.66 -2.85
CA ASN A 107 -35.84 30.66 -3.60
C ASN A 107 -34.91 29.58 -4.11
N SER A 108 -35.50 28.54 -4.68
CA SER A 108 -34.73 27.49 -5.36
C SER A 108 -34.43 28.00 -6.76
N ILE A 109 -33.42 27.43 -7.43
CA ILE A 109 -32.96 28.01 -8.69
C ILE A 109 -32.07 27.07 -9.54
N ASP A 110 -32.12 27.26 -10.86
CA ASP A 110 -31.27 26.53 -11.79
C ASP A 110 -29.99 27.29 -12.11
N THR A 111 -30.16 28.54 -12.56
CA THR A 111 -29.07 29.34 -13.16
C THR A 111 -27.67 28.87 -12.83
N LYS A 112 -26.83 28.73 -13.85
CA LYS A 112 -25.48 28.22 -13.66
C LYS A 112 -24.83 28.91 -12.48
N GLU A 113 -24.84 30.25 -12.49
CA GLU A 113 -24.20 31.05 -11.46
C GLU A 113 -25.25 31.83 -10.70
N TYR A 114 -25.25 31.65 -9.38
CA TYR A 114 -26.03 32.49 -8.46
C TYR A 114 -25.16 33.69 -8.10
N MET A 115 -25.80 34.82 -7.84
CA MET A 115 -25.08 36.02 -7.49
C MET A 115 -26.05 37.05 -6.98
N SER A 116 -25.74 37.62 -5.83
CA SER A 116 -26.55 38.72 -5.31
C SER A 116 -25.74 39.54 -4.33
N THR A 117 -26.07 40.83 -4.23
CA THR A 117 -25.39 41.72 -3.31
C THR A 117 -26.27 41.98 -2.10
N LEU A 118 -25.80 41.57 -0.94
CA LEU A 118 -26.49 41.84 0.30
C LEU A 118 -26.05 43.18 0.86
N THR A 119 -27.03 43.99 1.26
CA THR A 119 -26.77 45.26 1.96
C THR A 119 -27.79 45.46 3.06
N TYR A 120 -27.43 46.34 3.99
CA TYR A 120 -28.26 46.66 5.13
C TYR A 120 -29.08 47.93 4.88
N GLY A 121 -30.40 47.77 4.78
CA GLY A 121 -31.31 48.89 4.49
C GLY A 121 -31.76 49.67 5.71
N PHE A 122 -30.85 49.89 6.66
CA PHE A 122 -31.07 50.74 7.84
C PHE A 122 -32.47 50.58 8.45
N ASN A 123 -32.89 49.33 8.66
CA ASN A 123 -34.20 49.06 9.27
C ASN A 123 -34.29 47.64 9.84
N GLY A 124 -33.19 47.14 10.39
CA GLY A 124 -33.08 45.72 10.73
C GLY A 124 -33.21 44.87 9.48
N ASN A 125 -33.04 45.50 8.31
CA ASN A 125 -33.33 44.89 7.03
C ASN A 125 -32.05 44.49 6.31
N VAL A 126 -32.08 43.37 5.60
CA VAL A 126 -30.94 42.95 4.80
C VAL A 126 -31.42 42.28 3.54
N THR A 127 -31.47 43.01 2.44
CA THR A 127 -32.08 42.50 1.20
C THR A 127 -31.07 42.28 0.06
N GLY A 128 -31.43 41.37 -0.86
CA GLY A 128 -30.55 40.94 -1.93
C GLY A 128 -30.97 41.42 -3.31
N ASP A 129 -29.98 41.57 -4.19
CA ASP A 129 -30.15 42.20 -5.49
C ASP A 129 -29.41 41.39 -6.54
N ASP A 130 -29.88 41.42 -7.78
CA ASP A 130 -29.25 40.65 -8.87
C ASP A 130 -29.02 41.50 -10.13
N THR A 131 -28.22 42.55 -9.97
CA THR A 131 -27.81 43.43 -11.09
C THR A 131 -26.53 44.17 -10.70
N SER A 143 -24.74 53.23 0.98
CA SER A 143 -25.17 51.84 1.08
C SER A 143 -24.10 50.88 0.52
N ILE A 144 -23.27 50.35 1.42
CA ILE A 144 -22.08 49.56 1.03
C ILE A 144 -22.02 48.22 1.79
N GLY A 145 -21.94 47.11 1.05
CA GLY A 145 -21.87 45.76 1.63
C GLY A 145 -21.35 44.72 0.65
N HIS A 146 -21.20 43.47 1.12
CA HIS A 146 -20.59 42.41 0.30
C HIS A 146 -21.63 41.53 -0.41
N THR A 147 -21.16 40.78 -1.41
CA THR A 147 -22.02 40.06 -2.34
C THR A 147 -21.77 38.55 -2.41
N LEU A 148 -22.84 37.77 -2.48
CA LEU A 148 -22.79 36.32 -2.61
C LEU A 148 -22.72 35.91 -4.07
N LYS A 149 -21.85 34.94 -4.37
CA LYS A 149 -21.91 34.23 -5.66
C LYS A 149 -21.33 32.82 -5.57
N TYR A 150 -21.95 31.91 -6.32
CA TYR A 150 -21.51 30.53 -6.39
C TYR A 150 -22.01 29.88 -7.67
N VAL A 151 -21.17 29.06 -8.29
CA VAL A 151 -21.47 28.43 -9.57
C VAL A 151 -21.85 26.98 -9.34
N GLN A 152 -22.75 26.44 -10.16
CA GLN A 152 -23.27 25.08 -9.97
C GLN A 152 -23.67 24.38 -11.27
N PRO A 153 -22.74 24.28 -12.23
CA PRO A 153 -23.11 23.69 -13.51
C PRO A 153 -23.59 22.26 -13.35
N ASP A 154 -24.66 21.93 -14.08
CA ASP A 154 -25.31 20.61 -14.10
C ASP A 154 -26.11 20.27 -12.81
N PHE A 155 -26.32 21.27 -11.95
CA PHE A 155 -27.03 21.08 -10.67
C PHE A 155 -28.17 22.08 -10.48
N LYS A 156 -29.09 21.78 -9.57
CA LYS A 156 -30.12 22.73 -9.11
C LYS A 156 -29.72 23.18 -7.73
N THR A 157 -30.41 24.17 -7.20
CA THR A 157 -30.34 24.48 -5.77
C THR A 157 -31.76 24.42 -5.21
N ILE A 158 -31.97 23.55 -4.23
CA ILE A 158 -33.27 23.39 -3.58
C ILE A 158 -33.25 23.90 -2.14
N LEU A 159 -34.14 24.85 -1.86
CA LEU A 159 -34.30 25.38 -0.52
C LEU A 159 -35.02 24.32 0.33
N GLU A 160 -34.31 23.76 1.29
CA GLU A 160 -34.91 22.79 2.20
C GLU A 160 -35.83 23.51 3.19
N SER A 161 -37.12 23.50 2.87
CA SER A 161 -38.23 23.71 3.81
C SER A 161 -37.87 24.48 5.10
N PRO A 162 -37.66 25.79 4.97
CA PRO A 162 -37.16 26.58 6.07
C PRO A 162 -38.27 27.09 6.99
N THR A 163 -37.90 27.27 8.26
CA THR A 163 -38.71 27.92 9.27
C THR A 163 -37.75 28.78 10.11
N ASP A 164 -38.26 29.43 11.14
CA ASP A 164 -37.44 30.25 12.03
C ASP A 164 -36.37 29.47 12.80
N LYS A 165 -36.58 28.16 12.99
CA LYS A 165 -35.64 27.30 13.72
C LYS A 165 -34.49 26.83 12.86
N LYS A 166 -34.79 26.50 11.60
CA LYS A 166 -33.85 25.79 10.73
C LYS A 166 -33.96 26.24 9.26
N VAL A 167 -32.82 26.42 8.61
CA VAL A 167 -32.77 26.74 7.17
C VAL A 167 -31.63 25.95 6.55
N GLY A 168 -31.76 25.69 5.25
CA GLY A 168 -30.76 24.88 4.58
C GLY A 168 -31.01 24.67 3.09
N TRP A 169 -29.91 24.53 2.36
CA TRP A 169 -29.93 24.38 0.91
C TRP A 169 -29.40 23.01 0.57
N LYS A 170 -29.91 22.42 -0.51
CA LYS A 170 -29.26 21.24 -1.09
C LYS A 170 -29.10 21.46 -2.59
N VAL A 171 -27.86 21.55 -3.05
CA VAL A 171 -27.59 21.64 -4.47
C VAL A 171 -27.39 20.21 -4.98
N ILE A 172 -28.44 19.67 -5.57
CA ILE A 172 -28.42 18.31 -6.10
C ILE A 172 -28.22 18.32 -7.60
N PHE A 173 -27.77 17.17 -8.11
CA PHE A 173 -27.52 17.00 -9.53
C PHE A 173 -28.83 17.09 -10.33
N ASN A 174 -28.82 17.89 -11.39
CA ASN A 174 -30.01 18.14 -12.18
C ASN A 174 -30.07 17.18 -13.37
N ASN A 175 -29.23 17.45 -14.36
CA ASN A 175 -29.07 16.60 -15.53
C ASN A 175 -27.70 16.93 -16.10
N MET A 176 -27.34 16.32 -17.22
CA MET A 176 -26.01 16.50 -17.77
C MET A 176 -25.94 15.90 -19.17
N VAL A 177 -25.26 16.58 -20.08
CA VAL A 177 -25.03 16.04 -21.42
C VAL A 177 -23.89 15.01 -21.32
N ASN A 178 -23.81 14.09 -22.29
CA ASN A 178 -22.72 13.12 -22.36
C ASN A 178 -22.23 12.96 -23.79
N GLN A 179 -21.11 13.61 -24.10
CA GLN A 179 -20.47 13.53 -25.42
C GLN A 179 -21.44 13.83 -26.55
N ASN A 180 -22.17 14.92 -26.39
CA ASN A 180 -23.13 15.38 -27.40
C ASN A 180 -24.44 14.57 -27.50
N TRP A 181 -24.46 13.32 -27.01
CA TRP A 181 -25.75 12.66 -26.72
C TRP A 181 -26.33 13.26 -25.44
N GLY A 182 -27.47 12.72 -24.99
CA GLY A 182 -28.09 13.16 -23.75
C GLY A 182 -29.29 14.09 -23.93
N PRO A 183 -29.65 14.82 -22.87
CA PRO A 183 -28.99 14.88 -21.58
C PRO A 183 -29.42 13.71 -20.75
N TYR A 184 -28.63 13.37 -19.74
CA TYR A 184 -28.95 12.23 -18.88
C TYR A 184 -29.04 12.67 -17.43
N ASP A 185 -30.01 12.14 -16.68
CA ASP A 185 -30.10 12.39 -15.24
C ASP A 185 -29.98 11.09 -14.42
N ARG A 186 -30.12 11.20 -13.10
CA ARG A 186 -29.98 10.04 -12.22
C ARG A 186 -31.04 8.98 -12.49
N ASP A 187 -32.21 9.41 -12.94
CA ASP A 187 -33.31 8.51 -13.23
C ASP A 187 -33.40 8.24 -14.72
N SER A 188 -32.29 8.40 -15.44
CA SER A 188 -32.30 8.16 -16.87
C SER A 188 -32.33 6.66 -17.10
N TRP A 189 -33.02 6.23 -18.15
CA TRP A 189 -33.05 4.81 -18.50
C TRP A 189 -33.33 4.51 -19.96
N ASN A 190 -32.49 3.62 -20.52
CA ASN A 190 -32.66 3.07 -21.85
C ASN A 190 -32.65 1.56 -21.69
N PRO A 191 -33.60 0.84 -22.31
CA PRO A 191 -33.65 -0.61 -22.16
C PRO A 191 -32.39 -1.36 -22.61
N VAL A 192 -31.77 -0.91 -23.70
CA VAL A 192 -30.56 -1.55 -24.19
C VAL A 192 -29.37 -1.20 -23.31
N TYR A 193 -29.13 0.09 -23.12
CA TYR A 193 -27.92 0.56 -22.46
C TYR A 193 -28.08 0.99 -20.99
N GLY A 194 -29.29 0.95 -20.46
CA GLY A 194 -29.52 1.34 -19.07
C GLY A 194 -29.36 2.83 -18.84
N ASN A 195 -28.72 3.19 -17.73
CA ASN A 195 -28.38 4.57 -17.45
C ASN A 195 -27.00 4.83 -17.99
N GLN A 196 -26.83 5.99 -18.63
CA GLN A 196 -25.64 6.27 -19.44
C GLN A 196 -24.87 7.53 -19.02
N LEU A 197 -25.11 8.00 -17.81
CA LEU A 197 -24.50 9.25 -17.31
C LEU A 197 -23.00 9.38 -17.62
N PHE A 198 -22.23 8.40 -17.16
CA PHE A 198 -20.78 8.46 -17.33
C PHE A 198 -20.24 7.30 -18.18
N MET A 199 -21.06 6.81 -19.10
CA MET A 199 -20.65 5.75 -20.01
C MET A 199 -19.87 6.34 -21.19
N LYS A 200 -18.56 6.11 -21.19
CA LYS A 200 -17.65 6.65 -22.21
C LYS A 200 -17.97 6.12 -23.60
N THR A 201 -18.14 4.80 -23.72
CA THR A 201 -18.57 4.19 -24.98
C THR A 201 -19.61 3.13 -24.74
N ARG A 202 -20.36 2.82 -25.79
CA ARG A 202 -21.60 2.07 -25.65
C ARG A 202 -21.40 0.59 -25.95
N ASN A 203 -20.67 0.31 -27.02
CA ASN A 203 -20.33 -1.05 -27.37
C ASN A 203 -18.86 -1.11 -27.74
N GLY A 204 -18.04 -0.59 -26.83
CA GLY A 204 -16.60 -0.56 -27.01
C GLY A 204 -15.92 -1.62 -26.19
N SER A 205 -15.18 -2.50 -26.87
CA SER A 205 -14.48 -3.60 -26.21
C SER A 205 -13.21 -3.09 -25.50
N MET A 206 -13.20 -3.18 -24.18
CA MET A 206 -12.14 -2.61 -23.32
C MET A 206 -12.41 -3.00 -21.86
N LYS A 207 -11.53 -2.58 -20.95
CA LYS A 207 -11.78 -2.84 -19.54
C LYS A 207 -12.90 -1.96 -19.03
N ALA A 208 -13.85 -2.56 -18.30
CA ALA A 208 -14.94 -1.80 -17.71
C ALA A 208 -14.44 -0.53 -17.05
N ALA A 209 -13.45 -0.65 -16.17
CA ALA A 209 -12.96 0.49 -15.40
C ALA A 209 -12.40 1.60 -16.29
N ASP A 210 -12.00 1.27 -17.50
CA ASP A 210 -11.48 2.26 -18.46
C ASP A 210 -12.58 2.95 -19.27
N ASN A 211 -13.79 2.42 -19.20
CA ASN A 211 -14.93 2.95 -19.96
C ASN A 211 -15.81 3.90 -19.16
N PHE A 212 -15.22 4.61 -18.20
CA PHE A 212 -15.92 5.70 -17.54
C PHE A 212 -15.55 7.03 -18.14
N LEU A 213 -16.45 7.97 -17.96
CA LEU A 213 -16.28 9.31 -18.49
C LEU A 213 -15.23 9.99 -17.63
N ASP A 214 -14.16 10.49 -18.27
CA ASP A 214 -13.14 11.27 -17.59
C ASP A 214 -13.81 12.43 -16.85
N PRO A 215 -13.35 12.78 -15.64
CA PRO A 215 -13.92 13.97 -14.99
C PRO A 215 -13.69 15.27 -15.75
N ASN A 216 -12.74 15.27 -16.69
CA ASN A 216 -12.58 16.35 -17.68
C ASN A 216 -13.86 16.67 -18.42
N LYS A 217 -14.62 15.63 -18.76
CA LYS A 217 -15.76 15.75 -19.65
C LYS A 217 -17.09 15.83 -18.92
N ALA A 218 -17.09 16.11 -17.61
CA ALA A 218 -18.34 16.35 -16.89
C ALA A 218 -18.21 17.61 -16.04
N SER A 219 -19.14 17.84 -15.12
CA SER A 219 -19.12 19.06 -14.32
C SER A 219 -17.99 19.09 -13.31
N SER A 220 -17.42 20.28 -13.14
CA SER A 220 -16.36 20.53 -12.20
C SER A 220 -16.78 20.32 -10.75
N LEU A 221 -18.09 20.39 -10.50
CA LEU A 221 -18.61 20.08 -9.16
C LEU A 221 -18.39 18.62 -8.80
N LEU A 222 -18.27 17.75 -9.81
CA LEU A 222 -18.05 16.32 -9.58
C LEU A 222 -16.63 16.03 -9.15
N SER A 223 -15.67 16.72 -9.76
CA SER A 223 -14.26 16.53 -9.45
C SER A 223 -13.81 17.52 -8.37
N SER A 224 -13.46 18.73 -8.81
CA SER A 224 -13.01 19.80 -7.92
C SER A 224 -13.96 20.00 -6.74
N GLY A 225 -15.25 20.08 -7.06
CA GLY A 225 -16.28 20.14 -6.04
C GLY A 225 -17.03 21.45 -5.97
N PHE A 226 -17.95 21.49 -5.01
CA PHE A 226 -18.81 22.65 -4.78
C PHE A 226 -18.17 23.64 -3.79
N SER A 227 -18.54 24.90 -3.93
CA SER A 227 -18.06 25.93 -3.02
C SER A 227 -19.16 26.95 -2.75
N PRO A 228 -20.00 26.65 -1.73
CA PRO A 228 -21.18 27.44 -1.45
C PRO A 228 -20.86 28.84 -0.94
N ASP A 229 -21.77 29.77 -1.23
CA ASP A 229 -21.73 31.13 -0.71
C ASP A 229 -23.15 31.52 -0.32
N PHE A 230 -23.65 30.90 0.76
CA PHE A 230 -24.97 31.20 1.31
C PHE A 230 -24.90 32.09 2.55
N ALA A 231 -26.02 32.71 2.87
CA ALA A 231 -26.09 33.68 3.94
C ALA A 231 -27.38 33.53 4.74
N THR A 232 -27.24 33.04 5.97
CA THR A 232 -28.35 33.06 6.92
C THR A 232 -28.16 34.31 7.77
N VAL A 233 -29.27 34.90 8.23
CA VAL A 233 -29.20 36.00 9.19
C VAL A 233 -30.16 35.79 10.36
N ILE A 234 -29.62 35.92 11.57
CA ILE A 234 -30.34 35.60 12.80
C ILE A 234 -30.55 36.87 13.61
N THR A 235 -31.72 36.99 14.24
CA THR A 235 -32.02 38.11 15.13
C THR A 235 -32.18 37.63 16.58
N MET A 236 -31.64 38.43 17.51
CA MET A 236 -31.84 38.25 18.95
C MET A 236 -32.05 39.62 19.53
N ASP A 237 -32.98 39.74 20.47
CA ASP A 237 -33.33 41.04 21.03
C ASP A 237 -32.34 41.44 22.11
N ARG A 238 -32.01 42.74 22.16
CA ARG A 238 -31.18 43.29 23.22
C ARG A 238 -31.76 42.99 24.59
N LYS A 239 -33.10 43.02 24.68
CA LYS A 239 -33.81 42.76 25.93
C LYS A 239 -33.78 41.28 26.34
N ALA A 240 -33.44 40.40 25.40
CA ALA A 240 -33.40 38.95 25.64
C ALA A 240 -32.67 38.58 26.93
N SER A 241 -33.30 37.72 27.73
CA SER A 241 -32.83 37.40 29.08
C SER A 241 -31.62 36.46 29.13
N LYS A 242 -31.29 35.81 28.01
CA LYS A 242 -30.19 34.83 27.94
C LYS A 242 -29.41 35.00 26.65
N GLN A 243 -28.20 35.55 26.76
CA GLN A 243 -27.45 36.01 25.59
C GLN A 243 -26.49 34.97 24.96
N GLN A 244 -26.44 33.76 25.55
CA GLN A 244 -25.74 32.64 24.93
C GLN A 244 -26.60 32.09 23.79
N THR A 245 -25.96 31.57 22.74
CA THR A 245 -26.69 31.09 21.56
C THR A 245 -25.87 30.12 20.71
N ASN A 246 -26.23 28.85 20.78
CA ASN A 246 -25.51 27.76 20.12
C ASN A 246 -26.22 27.36 18.82
N ILE A 247 -25.43 27.04 17.78
CA ILE A 247 -25.98 26.71 16.46
C ILE A 247 -25.12 25.67 15.75
N ASP A 248 -25.79 24.67 15.18
CA ASP A 248 -25.11 23.59 14.44
C ASP A 248 -25.04 23.93 12.95
N VAL A 249 -23.85 23.85 12.38
CA VAL A 249 -23.66 24.08 10.96
C VAL A 249 -23.09 22.85 10.27
N ILE A 250 -23.95 22.19 9.50
CA ILE A 250 -23.70 20.86 8.97
C ILE A 250 -23.55 20.92 7.47
N TYR A 251 -22.33 20.68 6.98
CA TYR A 251 -22.06 20.48 5.56
C TYR A 251 -22.07 18.98 5.33
N GLU A 252 -22.71 18.51 4.26
CA GLU A 252 -22.63 17.10 3.89
C GLU A 252 -22.49 16.89 2.40
N ARG A 253 -22.21 15.64 2.02
CA ARG A 253 -22.07 15.25 0.62
C ARG A 253 -22.70 13.89 0.38
N VAL A 254 -23.80 13.86 -0.38
CA VAL A 254 -24.37 12.60 -0.85
C VAL A 254 -23.67 12.15 -2.13
N ARG A 255 -23.32 10.86 -2.19
CA ARG A 255 -22.66 10.25 -3.34
C ARG A 255 -23.42 9.06 -3.87
N ASP A 256 -23.38 8.90 -5.18
CA ASP A 256 -24.10 7.83 -5.83
C ASP A 256 -23.15 6.73 -6.29
N ASP A 257 -23.73 5.58 -6.64
CA ASP A 257 -22.99 4.42 -7.11
C ASP A 257 -23.42 4.11 -8.52
N TYR A 258 -22.46 4.12 -9.45
CA TYR A 258 -22.78 3.96 -10.86
C TYR A 258 -21.88 2.89 -11.45
N GLN A 259 -22.45 1.69 -11.68
CA GLN A 259 -21.71 0.55 -12.19
C GLN A 259 -22.03 0.29 -13.65
N LEU A 260 -20.98 0.24 -14.47
CA LEU A 260 -21.06 -0.29 -15.81
C LEU A 260 -20.84 -1.79 -15.78
N HIS A 261 -21.54 -2.52 -16.64
CA HIS A 261 -21.25 -3.93 -16.87
C HIS A 261 -21.63 -4.37 -18.27
N TRP A 262 -20.73 -5.16 -18.88
CA TRP A 262 -20.95 -5.72 -20.21
C TRP A 262 -22.07 -6.73 -20.16
N THR A 263 -22.88 -6.75 -21.21
CA THR A 263 -24.04 -7.62 -21.24
C THR A 263 -23.78 -8.82 -22.13
N SER A 264 -23.32 -8.56 -23.34
CA SER A 264 -23.17 -9.59 -24.36
C SER A 264 -22.76 -8.92 -25.65
N THR A 265 -23.57 -7.92 -26.02
CA THR A 265 -23.42 -7.16 -27.25
C THR A 265 -22.95 -5.73 -27.00
N ASN A 266 -22.97 -5.28 -25.74
CA ASN A 266 -22.83 -3.87 -25.42
C ASN A 266 -22.65 -3.61 -23.94
N TRP A 267 -22.40 -2.36 -23.60
CA TRP A 267 -22.32 -1.94 -22.21
C TRP A 267 -23.71 -1.63 -21.69
N LYS A 268 -23.80 -1.45 -20.37
CA LYS A 268 -25.06 -1.14 -19.69
C LYS A 268 -24.79 -0.66 -18.26
N GLY A 269 -24.97 0.64 -18.04
CA GLY A 269 -24.72 1.23 -16.74
C GLY A 269 -25.95 1.25 -15.88
N THR A 270 -25.77 1.50 -14.58
CA THR A 270 -26.89 1.65 -13.67
C THR A 270 -26.54 2.33 -12.36
N ASN A 271 -27.38 3.29 -12.00
CA ASN A 271 -27.15 4.13 -10.84
C ASN A 271 -27.85 3.61 -9.58
N THR A 272 -27.21 3.79 -8.43
CA THR A 272 -27.84 3.52 -7.13
C THR A 272 -27.78 4.80 -6.34
N LYS A 273 -28.95 5.34 -6.05
CA LYS A 273 -29.04 6.66 -5.45
C LYS A 273 -28.64 6.63 -3.97
N ASP A 274 -27.80 7.59 -3.58
CA ASP A 274 -27.53 7.89 -2.16
C ASP A 274 -26.91 6.70 -1.41
N LYS A 275 -25.79 6.20 -1.93
CA LYS A 275 -25.07 5.10 -1.31
C LYS A 275 -24.30 5.63 -0.10
N TRP A 276 -23.54 6.70 -0.31
CA TRP A 276 -22.57 7.20 0.66
C TRP A 276 -22.81 8.66 1.04
N THR A 277 -22.95 8.91 2.34
CA THR A 277 -23.19 10.26 2.87
C THR A 277 -22.05 10.69 3.78
N ASP A 278 -21.88 12.01 3.95
CA ASP A 278 -20.74 12.55 4.72
C ASP A 278 -21.12 13.76 5.62
N ARG A 279 -22.06 13.56 6.54
CA ARG A 279 -22.50 14.66 7.42
C ARG A 279 -21.35 15.20 8.28
N SER A 280 -20.92 16.43 7.99
CA SER A 280 -19.84 17.08 8.72
C SER A 280 -20.39 18.18 9.64
N SER A 281 -20.79 17.80 10.84
CA SER A 281 -21.46 18.71 11.78
C SER A 281 -20.46 19.43 12.67
N GLU A 282 -20.56 20.76 12.72
CA GLU A 282 -19.91 21.57 13.75
C GLU A 282 -20.96 22.37 14.50
N ARG A 283 -20.61 22.83 15.70
CA ARG A 283 -21.53 23.60 16.54
C ARG A 283 -20.83 24.82 17.15
N TYR A 284 -21.32 26.01 16.80
CA TYR A 284 -20.64 27.27 17.15
C TYR A 284 -21.39 27.99 18.26
N LYS A 285 -20.64 28.63 19.15
CA LYS A 285 -21.23 29.42 20.24
C LYS A 285 -21.25 30.90 19.86
N ILE A 286 -22.31 31.60 20.27
CA ILE A 286 -22.50 33.03 19.95
C ILE A 286 -22.74 33.88 21.19
N ASP A 287 -21.73 34.65 21.58
CA ASP A 287 -21.88 35.63 22.66
C ASP A 287 -22.52 36.89 22.06
N TRP A 288 -23.81 37.07 22.33
CA TRP A 288 -24.56 38.21 21.79
C TRP A 288 -24.15 39.54 22.41
N GLU A 289 -23.76 39.52 23.69
CA GLU A 289 -23.32 40.74 24.39
C GLU A 289 -21.99 41.23 23.82
N LYS A 290 -20.97 40.38 23.90
CA LYS A 290 -19.63 40.71 23.40
C LYS A 290 -19.52 40.53 21.89
N GLU A 291 -20.62 40.12 21.26
CA GLU A 291 -20.75 40.06 19.80
C GLU A 291 -19.57 39.34 19.14
N GLU A 292 -19.52 38.03 19.36
CA GLU A 292 -18.51 37.16 18.76
C GLU A 292 -19.05 35.75 18.59
N MET A 293 -18.28 34.91 17.90
CA MET A 293 -18.71 33.56 17.57
C MET A 293 -17.48 32.67 17.46
N THR A 294 -17.53 31.46 18.02
CA THR A 294 -16.38 30.54 17.99
C THR A 294 -16.74 29.06 18.20
N ASN A 295 -16.02 28.20 17.48
CA ASN A 295 -16.07 26.75 17.69
C ASN A 295 -15.01 26.32 18.72
N GLN B 1 4.72 12.42 9.43
CA GLN B 1 4.79 11.20 10.29
C GLN B 1 3.55 10.30 10.13
N VAL B 2 3.00 10.23 8.92
CA VAL B 2 1.90 9.29 8.62
C VAL B 2 2.49 7.91 8.43
N GLN B 3 1.88 6.89 9.05
CA GLN B 3 2.58 5.63 9.31
C GLN B 3 1.65 4.41 9.54
N LEU B 4 2.13 3.20 9.20
CA LEU B 4 1.34 1.96 9.33
C LEU B 4 2.03 0.93 10.22
N VAL B 5 1.23 0.22 11.01
CA VAL B 5 1.76 -0.74 12.00
C VAL B 5 0.89 -2.02 12.04
N GLN B 6 1.41 -3.09 11.43
CA GLN B 6 0.65 -4.33 11.25
C GLN B 6 0.75 -5.26 12.44
N SER B 7 0.00 -6.35 12.37
CA SER B 7 -0.10 -7.31 13.46
C SER B 7 1.10 -8.23 13.58
N GLY B 8 1.10 -9.00 14.66
CA GLY B 8 2.18 -9.93 14.97
C GLY B 8 2.24 -11.13 14.06
N ALA B 9 3.44 -11.70 13.93
CA ALA B 9 3.66 -12.85 13.08
C ALA B 9 2.75 -13.97 13.55
N GLU B 10 2.44 -14.89 12.64
CA GLU B 10 1.70 -16.09 13.02
C GLU B 10 1.97 -17.33 12.15
N VAL B 11 1.53 -18.48 12.68
CA VAL B 11 1.76 -19.78 12.08
C VAL B 11 0.45 -20.55 12.11
N LYS B 12 -0.02 -20.97 10.93
CA LYS B 12 -1.36 -21.50 10.78
C LYS B 12 -1.37 -22.88 10.16
N LYS B 13 -2.19 -23.78 10.70
CA LYS B 13 -2.32 -25.11 10.14
C LYS B 13 -2.98 -25.04 8.76
N PRO B 14 -2.43 -25.76 7.78
CA PRO B 14 -2.93 -25.64 6.42
C PRO B 14 -4.37 -26.14 6.31
N GLY B 15 -5.25 -25.30 5.78
CA GLY B 15 -6.68 -25.58 5.76
C GLY B 15 -7.44 -24.57 6.57
N SER B 16 -6.76 -23.97 7.55
CA SER B 16 -7.34 -22.94 8.39
C SER B 16 -7.40 -21.59 7.67
N SER B 17 -7.71 -20.53 8.42
CA SER B 17 -7.76 -19.19 7.89
C SER B 17 -7.06 -18.18 8.80
N VAL B 18 -6.37 -17.23 8.18
CA VAL B 18 -5.64 -16.17 8.87
C VAL B 18 -6.30 -14.84 8.56
N LYS B 19 -6.09 -13.85 9.44
CA LYS B 19 -6.36 -12.45 9.08
C LYS B 19 -5.46 -11.47 9.85
N VAL B 20 -4.57 -10.82 9.10
CA VAL B 20 -3.66 -9.81 9.66
C VAL B 20 -4.35 -8.45 9.60
N SER B 21 -3.97 -7.58 10.52
CA SER B 21 -4.52 -6.25 10.60
C SER B 21 -3.44 -5.25 10.27
N CYS B 22 -3.85 -4.02 10.00
CA CYS B 22 -2.92 -2.93 9.69
C CYS B 22 -3.55 -1.60 10.10
N LYS B 23 -2.99 -0.98 11.12
CA LYS B 23 -3.52 0.27 11.67
C LYS B 23 -2.78 1.48 11.13
N THR B 24 -3.54 2.50 10.73
CA THR B 24 -2.95 3.76 10.28
C THR B 24 -2.63 4.66 11.46
N SER B 25 -1.35 4.99 11.59
CA SER B 25 -0.86 5.86 12.65
C SER B 25 -1.21 7.30 12.27
N GLY B 26 -0.19 8.12 11.98
CA GLY B 26 -0.42 9.54 11.71
C GLY B 26 -1.16 9.74 10.41
N GLY B 27 -1.64 10.97 10.20
CA GLY B 27 -2.29 11.34 8.94
C GLY B 27 -3.73 10.86 8.76
N THR B 28 -4.32 11.27 7.65
CA THR B 28 -5.72 10.95 7.34
C THR B 28 -5.97 9.47 7.08
N PHE B 29 -7.24 9.10 6.88
CA PHE B 29 -7.63 7.70 6.77
C PHE B 29 -8.63 7.36 5.68
N ASN B 30 -9.71 8.15 5.59
CA ASN B 30 -10.95 7.71 4.93
C ASN B 30 -10.90 7.44 3.42
N ASN B 31 -10.57 8.42 2.60
CA ASN B 31 -10.62 8.15 1.17
C ASN B 31 -9.28 7.81 0.54
N VAL B 32 -8.32 7.38 1.36
CA VAL B 32 -7.01 6.98 0.86
C VAL B 32 -6.88 5.45 0.91
N ALA B 33 -6.57 4.85 -0.25
CA ALA B 33 -6.64 3.41 -0.45
C ALA B 33 -5.47 2.66 0.16
N ILE B 34 -5.78 1.61 0.91
CA ILE B 34 -4.77 0.72 1.47
C ILE B 34 -4.75 -0.57 0.67
N ASN B 35 -3.58 -0.93 0.16
CA ASN B 35 -3.42 -2.20 -0.54
C ASN B 35 -2.65 -3.20 0.30
N TRP B 36 -2.76 -4.47 -0.07
CA TRP B 36 -1.99 -5.51 0.60
C TRP B 36 -1.14 -6.20 -0.45
N VAL B 37 0.17 -6.23 -0.21
CA VAL B 37 1.10 -6.95 -1.07
C VAL B 37 1.88 -7.95 -0.23
N ARG B 38 2.10 -9.12 -0.81
CA ARG B 38 2.67 -10.28 -0.12
C ARG B 38 3.97 -10.74 -0.80
N GLN B 39 4.91 -11.25 0.00
CA GLN B 39 6.20 -11.68 -0.54
C GLN B 39 6.66 -12.99 0.10
N ALA B 40 6.74 -14.06 -0.70
CA ALA B 40 7.32 -15.31 -0.26
C ALA B 40 8.80 -15.12 0.09
N PRO B 41 9.41 -16.10 0.77
CA PRO B 41 10.82 -15.94 1.12
C PRO B 41 11.69 -15.89 -0.13
N GLY B 42 12.38 -14.76 -0.31
CA GLY B 42 13.27 -14.55 -1.45
C GLY B 42 12.51 -14.67 -2.76
N GLN B 43 11.59 -13.75 -2.99
CA GLN B 43 10.62 -13.93 -4.05
C GLN B 43 10.10 -12.59 -4.57
N GLY B 44 9.22 -12.65 -5.56
CA GLY B 44 8.57 -11.44 -6.08
C GLY B 44 7.52 -10.91 -5.13
N LEU B 45 6.97 -9.74 -5.48
CA LEU B 45 5.85 -9.13 -4.74
C LEU B 45 4.53 -9.48 -5.44
N GLU B 46 3.44 -9.60 -4.68
CA GLU B 46 2.13 -9.97 -5.25
C GLU B 46 0.99 -9.16 -4.66
N TRP B 47 0.34 -8.32 -5.48
CA TRP B 47 -0.86 -7.60 -5.03
C TRP B 47 -1.99 -8.59 -4.88
N MET B 48 -2.76 -8.41 -3.81
CA MET B 48 -3.84 -9.33 -3.44
C MET B 48 -5.20 -8.66 -3.45
N GLY B 49 -5.26 -7.49 -2.83
CA GLY B 49 -6.46 -6.68 -2.84
C GLY B 49 -6.17 -5.33 -2.24
N GLY B 50 -7.12 -4.41 -2.39
CA GLY B 50 -7.10 -3.12 -1.70
C GLY B 50 -8.46 -2.76 -1.13
N ILE B 51 -8.51 -1.67 -0.40
CA ILE B 51 -9.78 -1.17 0.13
C ILE B 51 -9.68 0.36 0.23
N ILE B 52 -10.78 1.05 -0.08
CA ILE B 52 -10.89 2.50 0.09
C ILE B 52 -11.84 2.73 1.25
N PRO B 53 -11.29 2.96 2.44
CA PRO B 53 -12.09 2.88 3.66
C PRO B 53 -13.43 3.62 3.60
N GLY B 54 -13.41 4.89 3.21
CA GLY B 54 -14.64 5.71 3.22
C GLY B 54 -15.79 5.06 2.48
N LEU B 55 -15.57 4.77 1.19
CA LEU B 55 -16.54 4.04 0.37
C LEU B 55 -16.70 2.62 0.89
N ASP B 56 -15.66 2.08 1.53
CA ASP B 56 -15.61 0.68 1.94
C ASP B 56 -15.74 -0.19 0.72
N THR B 57 -15.03 0.18 -0.34
CA THR B 57 -15.09 -0.55 -1.59
C THR B 57 -13.82 -1.37 -1.72
N PRO B 58 -13.96 -2.69 -1.64
CA PRO B 58 -12.81 -3.53 -1.76
C PRO B 58 -12.53 -3.79 -3.23
N ASN B 59 -11.24 -3.89 -3.54
CA ASN B 59 -10.78 -4.14 -4.88
C ASN B 59 -9.93 -5.42 -4.82
N TYR B 60 -10.41 -6.50 -5.42
CA TYR B 60 -9.78 -7.81 -5.29
C TYR B 60 -9.09 -8.26 -6.56
N ALA B 61 -7.93 -8.91 -6.39
CA ALA B 61 -7.24 -9.59 -7.49
C ALA B 61 -7.98 -10.87 -7.82
N GLN B 62 -8.33 -11.02 -9.09
CA GLN B 62 -9.26 -12.07 -9.48
C GLN B 62 -8.68 -13.49 -9.40
N LYS B 63 -7.37 -13.63 -9.54
CA LYS B 63 -6.75 -14.96 -9.47
C LYS B 63 -7.08 -15.65 -8.15
N PHE B 64 -7.07 -14.88 -7.06
CA PHE B 64 -7.29 -15.45 -5.73
C PHE B 64 -8.66 -16.09 -5.52
N GLN B 65 -9.65 -15.67 -6.31
CA GLN B 65 -11.00 -16.26 -6.27
C GLN B 65 -11.64 -16.09 -4.89
N GLY B 66 -11.55 -14.86 -4.37
CA GLY B 66 -12.27 -14.47 -3.15
C GLY B 66 -11.86 -15.17 -1.85
N ARG B 67 -10.80 -15.95 -1.87
CA ARG B 67 -10.22 -16.45 -0.63
C ARG B 67 -9.84 -15.22 0.15
N VAL B 68 -9.11 -14.33 -0.51
CA VAL B 68 -8.76 -13.01 0.03
C VAL B 68 -10.03 -12.16 0.21
N THR B 69 -10.21 -11.61 1.41
CA THR B 69 -11.31 -10.70 1.70
C THR B 69 -10.87 -9.62 2.69
N ILE B 70 -11.05 -8.36 2.28
CA ILE B 70 -10.49 -7.19 2.96
C ILE B 70 -11.58 -6.28 3.52
N THR B 71 -11.29 -5.65 4.65
CA THR B 71 -12.24 -4.78 5.32
C THR B 71 -11.55 -3.59 6.01
N ALA B 72 -12.35 -2.58 6.31
CA ALA B 72 -11.89 -1.39 7.03
C ALA B 72 -12.70 -1.19 8.31
N ASP B 73 -12.19 -0.35 9.20
CA ASP B 73 -12.84 -0.07 10.48
C ASP B 73 -12.44 1.30 11.02
N LYS B 74 -13.42 2.17 11.24
CA LYS B 74 -13.17 3.56 11.67
C LYS B 74 -12.71 3.65 13.12
N SER B 75 -13.40 2.94 14.00
CA SER B 75 -13.04 2.93 15.42
C SER B 75 -11.55 2.67 15.62
N THR B 76 -10.99 1.77 14.82
CA THR B 76 -9.58 1.41 14.92
C THR B 76 -8.68 2.10 13.90
N THR B 77 -9.28 2.74 12.90
CA THR B 77 -8.56 3.41 11.81
C THR B 77 -7.64 2.42 11.09
N SER B 78 -8.16 1.21 10.87
CA SER B 78 -7.36 0.08 10.41
C SER B 78 -8.07 -0.71 9.31
N THR B 79 -7.28 -1.51 8.57
CA THR B 79 -7.81 -2.48 7.62
C THR B 79 -7.42 -3.89 8.02
N TYR B 80 -8.12 -4.87 7.45
CA TYR B 80 -7.84 -6.27 7.73
C TYR B 80 -7.76 -7.04 6.43
N LEU B 81 -6.82 -7.98 6.36
CA LEU B 81 -6.69 -8.85 5.19
C LEU B 81 -6.89 -10.28 5.65
N GLU B 82 -8.07 -10.82 5.35
CA GLU B 82 -8.39 -12.20 5.70
C GLU B 82 -8.12 -13.10 4.51
N LEU B 83 -7.63 -14.30 4.79
CA LEU B 83 -7.27 -15.28 3.76
C LEU B 83 -7.70 -16.69 4.20
N SER B 84 -8.59 -17.30 3.42
CA SER B 84 -9.21 -18.59 3.79
C SER B 84 -8.53 -19.81 3.15
N SER B 85 -8.70 -20.97 3.79
CA SER B 85 -8.11 -22.24 3.34
C SER B 85 -6.64 -22.06 3.04
N LEU B 86 -5.86 -21.86 4.09
CA LEU B 86 -4.43 -21.60 3.94
C LEU B 86 -3.69 -22.85 3.45
N ARG B 87 -2.54 -22.63 2.81
CA ARG B 87 -1.70 -23.72 2.30
C ARG B 87 -0.21 -23.48 2.53
N SER B 88 0.58 -24.52 2.29
CA SER B 88 2.03 -24.44 2.40
C SER B 88 2.61 -23.27 1.59
N ASP B 89 2.07 -23.09 0.38
CA ASP B 89 2.57 -22.07 -0.56
C ASP B 89 2.10 -20.64 -0.28
N ASP B 90 1.34 -20.45 0.80
CA ASP B 90 0.95 -19.10 1.21
C ASP B 90 1.97 -18.49 2.15
N THR B 91 2.62 -19.34 2.95
CA THR B 91 3.68 -18.87 3.84
C THR B 91 4.45 -17.73 3.17
N ALA B 92 4.24 -16.52 3.67
CA ALA B 92 4.87 -15.34 3.09
C ALA B 92 4.80 -14.15 4.05
N VAL B 93 5.50 -13.07 3.68
CA VAL B 93 5.35 -11.80 4.37
C VAL B 93 4.14 -11.10 3.74
N TYR B 94 3.39 -10.39 4.57
CA TYR B 94 2.13 -9.77 4.15
C TYR B 94 2.11 -8.30 4.51
N TYR B 95 2.55 -7.46 3.56
CA TYR B 95 2.59 -6.01 3.78
C TYR B 95 1.26 -5.35 3.44
N CYS B 96 0.82 -4.44 4.30
CA CYS B 96 -0.15 -3.44 3.90
C CYS B 96 0.67 -2.23 3.41
N ALA B 97 0.14 -1.50 2.44
CA ALA B 97 0.86 -0.42 1.79
C ALA B 97 -0.15 0.61 1.36
N ARG B 98 -0.17 1.71 2.09
CA ARG B 98 -1.07 2.83 1.82
C ARG B 98 -0.61 3.55 0.55
N GLU B 99 -1.59 3.96 -0.25
CA GLU B 99 -1.32 4.62 -1.53
C GLU B 99 -0.74 5.99 -1.29
N MET B 100 -0.28 6.62 -2.38
CA MET B 100 0.15 8.00 -2.34
C MET B 100 -1.08 8.88 -2.47
N GLU B 101 -1.23 9.79 -1.52
CA GLU B 101 -2.43 10.62 -1.39
C GLU B 101 -2.31 11.82 -2.34
N VAL B 102 -2.67 11.61 -3.60
CA VAL B 102 -2.53 12.65 -4.63
C VAL B 102 -3.80 13.48 -4.82
N SER B 103 -3.62 14.75 -5.12
CA SER B 103 -4.69 15.76 -5.27
C SER B 103 -6.02 15.34 -5.91
N GLY B 104 -5.97 14.85 -7.14
CA GLY B 104 -7.17 14.61 -7.94
C GLY B 104 -7.50 13.16 -8.22
N ARG B 105 -6.88 12.25 -7.48
CA ARG B 105 -7.17 10.82 -7.61
C ARG B 105 -8.63 10.56 -7.95
N TRP B 106 -8.90 9.97 -9.11
CA TRP B 106 -10.23 9.41 -9.38
C TRP B 106 -10.22 7.90 -9.64
N ARG B 107 -9.04 7.30 -9.60
CA ARG B 107 -8.86 5.87 -9.81
C ARG B 107 -8.77 5.15 -8.48
N PRO B 108 -8.82 3.81 -8.50
CA PRO B 108 -8.53 3.10 -7.27
C PRO B 108 -7.02 3.07 -7.08
N THR B 109 -6.54 3.20 -5.84
CA THR B 109 -5.10 3.23 -5.56
C THR B 109 -4.34 4.28 -6.36
N GLU B 110 -3.06 4.38 -6.02
CA GLU B 110 -2.05 4.76 -6.97
C GLU B 110 -0.68 4.95 -6.33
N ALA B 111 0.19 3.97 -6.53
CA ALA B 111 1.57 4.02 -6.06
C ALA B 111 1.59 3.87 -4.55
N PHE B 112 2.14 2.75 -4.11
CA PHE B 112 2.16 2.39 -2.69
C PHE B 112 3.27 3.14 -1.94
N GLU B 113 2.89 4.21 -1.25
CA GLU B 113 3.88 5.17 -0.73
C GLU B 113 4.45 4.76 0.62
N ILE B 114 3.60 4.52 1.61
CA ILE B 114 4.08 4.09 2.93
C ILE B 114 3.56 2.70 3.30
N TRP B 115 4.49 1.83 3.70
CA TRP B 115 4.20 0.43 3.97
C TRP B 115 4.38 0.13 5.46
N GLY B 116 3.70 -0.91 5.93
CA GLY B 116 3.92 -1.43 7.29
C GLY B 116 5.18 -2.27 7.38
N GLN B 117 5.35 -2.95 8.52
CA GLN B 117 6.54 -3.77 8.77
C GLN B 117 6.42 -5.10 8.06
N GLY B 118 5.19 -5.46 7.71
CA GLY B 118 4.88 -6.78 7.17
C GLY B 118 4.51 -7.68 8.33
N THR B 119 3.64 -8.65 8.06
CA THR B 119 3.35 -9.69 9.03
C THR B 119 3.79 -11.01 8.39
N MET B 120 4.41 -11.88 9.19
CA MET B 120 4.84 -13.18 8.72
C MET B 120 3.74 -14.19 9.02
N VAL B 121 3.10 -14.70 7.96
CA VAL B 121 2.26 -15.87 8.09
C VAL B 121 3.06 -17.03 7.53
N THR B 122 3.16 -18.09 8.34
CA THR B 122 3.95 -19.27 8.00
C THR B 122 3.10 -20.52 8.21
N VAL B 123 2.32 -20.86 7.20
CA VAL B 123 1.47 -22.04 7.20
C VAL B 123 2.27 -23.35 7.11
N SER B 124 2.21 -24.14 8.19
CA SER B 124 2.84 -25.47 8.22
C SER B 124 2.09 -26.40 9.15
N SER B 125 1.87 -27.63 8.68
CA SER B 125 1.26 -28.66 9.49
C SER B 125 2.30 -29.18 10.46
N ALA B 126 2.65 -28.36 11.46
CA ALA B 126 3.73 -28.69 12.39
C ALA B 126 3.65 -27.87 13.68
N SER B 127 3.95 -28.50 14.81
CA SER B 127 4.01 -27.83 16.12
C SER B 127 5.46 -27.60 16.54
N THR B 128 5.67 -26.83 17.61
CA THR B 128 7.01 -26.40 18.03
C THR B 128 7.96 -27.58 18.25
N LYS B 129 9.04 -27.62 17.46
CA LYS B 129 10.02 -28.70 17.48
C LYS B 129 11.47 -28.17 17.51
N GLY B 130 12.29 -28.74 18.39
CA GLY B 130 13.72 -28.43 18.44
C GLY B 130 14.50 -29.20 17.37
N PRO B 131 15.73 -28.76 17.07
CA PRO B 131 16.41 -29.29 15.92
C PRO B 131 17.14 -30.59 16.20
N SER B 132 17.60 -31.22 15.12
CA SER B 132 18.55 -32.32 15.22
C SER B 132 19.84 -31.81 14.58
N VAL B 133 20.91 -31.74 15.36
CA VAL B 133 22.18 -31.26 14.85
C VAL B 133 23.06 -32.46 14.51
N PHE B 134 23.47 -32.53 13.25
CA PHE B 134 24.34 -33.59 12.75
C PHE B 134 25.62 -32.96 12.22
N PRO B 135 26.75 -33.67 12.34
CA PRO B 135 28.02 -33.04 11.97
C PRO B 135 28.34 -33.12 10.48
N LEU B 136 29.17 -32.19 10.00
CA LEU B 136 29.61 -32.17 8.62
C LEU B 136 31.13 -32.24 8.61
N ALA B 137 31.66 -33.40 8.24
CA ALA B 137 33.10 -33.57 8.01
C ALA B 137 33.39 -34.48 6.81
N PRO B 138 34.59 -34.35 6.23
CA PRO B 138 35.00 -35.22 5.14
C PRO B 138 35.64 -36.50 5.65
N CYS B 139 35.88 -37.45 4.75
CA CYS B 139 36.48 -38.73 5.12
C CYS B 139 37.82 -38.92 4.42
N SER B 140 38.54 -37.81 4.24
CA SER B 140 39.93 -37.83 3.76
C SER B 140 40.87 -37.60 4.94
N ARG B 141 40.44 -36.71 5.84
CA ARG B 141 41.08 -36.44 7.13
C ARG B 141 42.26 -35.46 7.12
N SER B 142 42.90 -35.31 5.97
CA SER B 142 43.87 -34.23 5.67
C SER B 142 44.17 -34.17 4.17
N THR B 143 43.73 -33.11 3.48
CA THR B 143 44.01 -32.93 2.05
C THR B 143 44.15 -31.45 1.67
N SER B 144 44.81 -31.22 0.52
CA SER B 144 44.99 -29.88 -0.06
C SER B 144 46.11 -29.07 0.61
N GLU B 145 46.88 -29.70 1.51
CA GLU B 145 47.99 -29.05 2.23
C GLU B 145 47.78 -27.70 2.92
N SER B 146 46.71 -26.98 2.54
CA SER B 146 46.49 -25.58 2.93
C SER B 146 45.43 -25.55 4.02
N THR B 147 44.20 -25.98 3.69
CA THR B 147 43.08 -25.98 4.65
C THR B 147 41.83 -26.68 4.12
N ALA B 148 40.94 -27.05 5.03
CA ALA B 148 39.62 -27.59 4.71
C ALA B 148 38.58 -27.04 5.70
N ALA B 149 37.32 -27.44 5.53
CA ALA B 149 36.20 -26.89 6.32
C ALA B 149 35.27 -27.97 6.88
N LEU B 150 34.69 -27.69 8.04
CA LEU B 150 33.75 -28.58 8.71
C LEU B 150 32.50 -27.79 9.10
N GLY B 151 31.48 -28.47 9.61
CA GLY B 151 30.26 -27.75 10.00
C GLY B 151 29.14 -28.55 10.64
N CYS B 152 28.03 -27.85 10.87
CA CYS B 152 26.83 -28.42 11.48
C CYS B 152 25.69 -28.54 10.48
N LEU B 153 24.67 -29.30 10.86
CA LEU B 153 23.47 -29.43 10.05
C LEU B 153 22.24 -29.46 10.96
N VAL B 154 21.70 -28.27 11.21
CA VAL B 154 20.49 -28.13 12.04
C VAL B 154 19.30 -28.52 11.18
N LYS B 155 18.54 -29.51 11.63
CA LYS B 155 17.52 -30.11 10.77
C LYS B 155 16.19 -30.30 11.48
N ASP B 156 15.12 -30.31 10.69
CA ASP B 156 13.80 -30.74 11.14
C ASP B 156 13.36 -30.08 12.46
N TYR B 157 13.42 -28.74 12.45
CA TYR B 157 12.98 -27.93 13.59
C TYR B 157 11.90 -26.96 13.15
N PHE B 158 11.19 -26.42 14.13
CA PHE B 158 10.09 -25.51 13.89
C PHE B 158 9.71 -24.82 15.20
N PRO B 159 9.33 -23.54 15.13
CA PRO B 159 9.35 -22.64 13.99
C PRO B 159 10.71 -21.95 13.89
N GLU B 160 10.84 -20.96 13.01
CA GLU B 160 12.02 -20.11 12.98
C GLU B 160 11.94 -19.25 14.25
N PRO B 161 13.10 -18.85 14.84
CA PRO B 161 14.48 -18.95 14.43
C PRO B 161 15.32 -19.96 15.20
N VAL B 162 16.60 -20.05 14.81
CA VAL B 162 17.59 -20.81 15.56
C VAL B 162 18.95 -20.12 15.43
N THR B 163 19.54 -19.73 16.55
CA THR B 163 20.84 -19.05 16.56
C THR B 163 21.98 -20.06 16.72
N VAL B 164 22.73 -20.26 15.66
CA VAL B 164 23.90 -21.15 15.69
C VAL B 164 25.14 -20.33 16.01
N SER B 165 26.06 -20.92 16.79
CA SER B 165 27.30 -20.24 17.19
C SER B 165 28.44 -21.24 17.46
N TRP B 166 29.69 -20.79 17.33
CA TRP B 166 30.85 -21.69 17.41
C TRP B 166 31.74 -21.44 18.62
N ASN B 167 32.14 -22.52 19.28
CA ASN B 167 33.01 -22.49 20.47
C ASN B 167 32.49 -21.53 21.54
N SER B 168 31.17 -21.49 21.70
CA SER B 168 30.50 -20.57 22.62
C SER B 168 30.92 -19.12 22.30
N GLY B 169 30.96 -18.79 21.01
CA GLY B 169 31.34 -17.45 20.55
C GLY B 169 32.84 -17.18 20.57
N ALA B 170 33.64 -18.23 20.43
CA ALA B 170 35.10 -18.11 20.41
C ALA B 170 35.64 -18.17 18.97
N LEU B 171 34.72 -18.21 18.00
CA LEU B 171 35.11 -18.39 16.60
C LEU B 171 34.13 -17.67 15.70
N THR B 172 34.49 -16.45 15.29
CA THR B 172 33.66 -15.64 14.38
C THR B 172 34.10 -15.82 12.94
N SER B 173 35.34 -15.44 12.67
CA SER B 173 35.80 -15.30 11.30
C SER B 173 35.90 -16.67 10.62
N GLY B 174 35.48 -16.73 9.36
CA GLY B 174 35.47 -17.97 8.61
C GLY B 174 34.26 -18.82 8.94
N VAL B 175 33.13 -18.18 9.20
CA VAL B 175 31.89 -18.89 9.48
C VAL B 175 30.81 -18.51 8.45
N HIS B 176 29.96 -19.48 8.13
CA HIS B 176 28.83 -19.24 7.24
C HIS B 176 27.62 -20.03 7.71
N THR B 177 26.77 -19.37 8.50
CA THR B 177 25.47 -19.93 8.83
C THR B 177 24.49 -19.51 7.74
N PHE B 178 23.93 -20.51 7.06
CA PHE B 178 23.10 -20.26 5.88
C PHE B 178 21.64 -19.97 6.25
N PRO B 179 20.91 -19.28 5.36
CA PRO B 179 19.49 -19.00 5.53
C PRO B 179 18.63 -20.21 5.85
N ALA B 180 17.54 -19.95 6.56
CA ALA B 180 16.69 -20.96 7.17
C ALA B 180 16.24 -22.07 6.22
N VAL B 181 15.41 -21.70 5.23
CA VAL B 181 14.84 -22.65 4.27
C VAL B 181 13.89 -23.72 4.86
N LEU B 182 12.60 -23.63 4.48
CA LEU B 182 11.60 -24.65 4.82
C LEU B 182 11.88 -25.96 4.08
N GLN B 183 11.04 -26.95 4.31
CA GLN B 183 11.10 -28.20 3.56
C GLN B 183 9.69 -28.57 3.17
N SER B 184 9.55 -29.44 2.18
CA SER B 184 8.25 -29.92 1.78
C SER B 184 7.59 -30.67 2.94
N SER B 185 8.41 -31.24 3.81
CA SER B 185 7.94 -31.87 5.05
C SER B 185 7.33 -30.88 6.05
N GLY B 186 7.58 -29.59 5.86
CA GLY B 186 6.99 -28.54 6.69
C GLY B 186 7.82 -28.20 7.92
N LEU B 187 9.11 -28.51 7.85
CA LEU B 187 10.04 -28.15 8.90
C LEU B 187 11.20 -27.34 8.30
N TYR B 188 11.91 -26.61 9.15
CA TYR B 188 13.05 -25.81 8.71
C TYR B 188 14.32 -26.63 8.81
N SER B 189 15.33 -26.22 8.06
CA SER B 189 16.58 -26.96 8.00
C SER B 189 17.69 -26.12 7.38
N LEU B 190 18.63 -25.69 8.21
CA LEU B 190 19.77 -24.90 7.74
C LEU B 190 21.08 -25.61 8.07
N SER B 191 22.16 -25.13 7.46
CA SER B 191 23.50 -25.65 7.74
C SER B 191 24.43 -24.50 8.06
N SER B 192 25.26 -24.69 9.09
CA SER B 192 26.27 -23.71 9.42
C SER B 192 27.63 -24.38 9.24
N VAL B 193 28.38 -23.92 8.25
CA VAL B 193 29.73 -24.39 8.04
C VAL B 193 30.74 -23.44 8.63
N VAL B 194 31.95 -23.95 8.83
CA VAL B 194 33.07 -23.14 9.29
C VAL B 194 34.36 -23.68 8.69
N THR B 195 35.18 -22.76 8.19
CA THR B 195 36.47 -23.12 7.62
C THR B 195 37.58 -22.68 8.57
N VAL B 196 38.50 -23.59 8.86
CA VAL B 196 39.69 -23.31 9.67
C VAL B 196 40.95 -23.85 8.99
N PRO B 197 42.14 -23.39 9.42
CA PRO B 197 43.39 -23.85 8.78
C PRO B 197 43.74 -25.34 8.98
N SER B 198 44.68 -25.86 8.19
CA SER B 198 45.00 -27.30 8.17
C SER B 198 46.04 -27.69 9.22
N SER B 199 47.11 -26.91 9.30
CA SER B 199 48.08 -27.04 10.39
C SER B 199 47.40 -26.70 11.71
N ASN B 200 46.36 -25.86 11.64
CA ASN B 200 45.45 -25.59 12.74
C ASN B 200 44.26 -26.58 12.73
N PHE B 201 44.57 -27.87 12.57
CA PHE B 201 43.57 -28.94 12.64
C PHE B 201 44.19 -30.15 13.31
N GLY B 202 43.41 -30.82 14.16
CA GLY B 202 43.93 -31.85 15.05
C GLY B 202 44.48 -31.25 16.33
N THR B 203 44.30 -29.95 16.49
CA THR B 203 44.81 -29.19 17.64
C THR B 203 43.66 -28.66 18.51
N GLN B 204 42.63 -28.12 17.85
CA GLN B 204 41.46 -27.59 18.54
C GLN B 204 40.21 -28.26 18.00
N THR B 205 39.42 -28.87 18.89
CA THR B 205 38.13 -29.44 18.50
C THR B 205 37.10 -28.30 18.45
N TYR B 206 36.17 -28.37 17.49
CA TYR B 206 35.22 -27.30 17.23
C TYR B 206 33.78 -27.70 17.51
N THR B 207 33.20 -27.10 18.56
CA THR B 207 31.83 -27.36 18.95
C THR B 207 30.93 -26.23 18.49
N CYS B 208 29.91 -26.55 17.71
CA CYS B 208 28.92 -25.54 17.33
C CYS B 208 27.76 -25.59 18.31
N ASN B 209 27.33 -24.42 18.76
CA ASN B 209 26.23 -24.28 19.71
C ASN B 209 24.97 -23.79 19.02
N VAL B 210 24.09 -24.73 18.69
CA VAL B 210 22.78 -24.39 18.13
C VAL B 210 21.84 -24.03 19.27
N ASP B 211 21.15 -22.90 19.12
CA ASP B 211 20.20 -22.41 20.11
C ASP B 211 18.85 -22.17 19.45
N HIS B 212 17.78 -22.56 20.13
CA HIS B 212 16.42 -22.53 19.59
C HIS B 212 15.44 -22.24 20.72
N LYS B 213 15.07 -20.97 20.87
CA LYS B 213 14.23 -20.50 21.97
C LYS B 213 12.76 -20.96 21.94
N PRO B 214 12.17 -21.18 20.76
CA PRO B 214 10.78 -21.63 20.67
C PRO B 214 10.44 -22.92 21.39
N SER B 215 11.37 -23.86 21.43
CA SER B 215 11.19 -25.14 22.12
C SER B 215 11.85 -25.16 23.51
N ASN B 216 12.51 -24.05 23.85
CA ASN B 216 13.30 -23.93 25.07
C ASN B 216 14.46 -24.93 25.08
N THR B 217 15.30 -24.83 24.04
CA THR B 217 16.34 -25.83 23.79
C THR B 217 17.70 -25.20 23.43
N LYS B 218 18.77 -25.88 23.82
CA LYS B 218 20.13 -25.61 23.36
C LYS B 218 20.83 -26.94 23.08
N VAL B 219 21.68 -26.96 22.06
CA VAL B 219 22.42 -28.18 21.68
C VAL B 219 23.87 -27.81 21.39
N ASP B 220 24.80 -28.64 21.87
CA ASP B 220 26.23 -28.41 21.67
C ASP B 220 26.87 -29.62 20.99
N LYS B 221 26.97 -29.60 19.67
CA LYS B 221 27.58 -30.70 18.92
C LYS B 221 29.03 -30.41 18.56
N THR B 222 29.91 -31.36 18.86
CA THR B 222 31.34 -31.22 18.60
C THR B 222 31.76 -32.04 17.38
N VAL B 223 32.76 -31.52 16.67
CA VAL B 223 33.16 -32.06 15.38
C VAL B 223 34.70 -32.13 15.30
N GLU B 224 35.19 -32.95 14.39
CA GLU B 224 36.62 -32.96 14.03
C GLU B 224 36.85 -33.78 12.76
N GLU C 1 -3.88 -10.61 -17.13
CA GLU C 1 -2.79 -9.78 -16.54
C GLU C 1 -2.05 -8.94 -17.59
N THR C 2 -1.24 -8.01 -17.09
CA THR C 2 -0.31 -7.24 -17.90
C THR C 2 1.07 -7.45 -17.27
N THR C 3 1.78 -8.47 -17.74
CA THR C 3 3.00 -8.96 -17.04
C THR C 3 4.27 -8.20 -17.45
N LEU C 4 4.85 -7.50 -16.47
CA LEU C 4 6.16 -6.86 -16.63
C LEU C 4 7.25 -7.88 -16.47
N THR C 5 8.39 -7.61 -17.09
CA THR C 5 9.53 -8.51 -17.05
C THR C 5 10.81 -7.69 -17.11
N GLN C 6 11.50 -7.59 -15.97
CA GLN C 6 12.65 -6.69 -15.86
C GLN C 6 13.92 -7.33 -16.40
N SER C 7 14.95 -6.50 -16.55
CA SER C 7 16.24 -6.95 -17.03
C SER C 7 17.28 -5.87 -16.76
N PRO C 8 18.54 -6.27 -16.58
CA PRO C 8 19.04 -7.64 -16.57
C PRO C 8 18.71 -8.35 -15.26
N GLY C 9 19.23 -9.57 -15.10
CA GLY C 9 19.06 -10.31 -13.84
C GLY C 9 19.74 -9.59 -12.69
N THR C 10 21.07 -9.68 -12.67
CA THR C 10 21.88 -8.94 -11.73
C THR C 10 22.49 -7.75 -12.46
N LEU C 11 23.09 -6.83 -11.72
CA LEU C 11 23.72 -5.67 -12.31
C LEU C 11 25.03 -5.40 -11.56
N SER C 12 26.08 -6.12 -11.90
CA SER C 12 27.35 -5.98 -11.20
C SER C 12 28.11 -4.71 -11.59
N LEU C 13 28.03 -3.69 -10.73
CA LEU C 13 28.70 -2.39 -10.95
C LEU C 13 29.31 -1.86 -9.66
N SER C 14 30.10 -0.79 -9.80
CA SER C 14 30.76 -0.14 -8.66
C SER C 14 30.19 1.26 -8.48
N PRO C 15 30.39 1.87 -7.30
CA PRO C 15 29.85 3.21 -7.04
C PRO C 15 30.54 4.32 -7.82
N GLY C 16 29.76 5.28 -8.29
CA GLY C 16 30.21 6.27 -9.27
C GLY C 16 29.63 5.99 -10.64
N GLU C 17 29.52 4.71 -10.99
CA GLU C 17 28.99 4.27 -12.27
C GLU C 17 27.46 4.40 -12.28
N ARG C 18 26.89 4.60 -13.46
CA ARG C 18 25.44 4.65 -13.61
C ARG C 18 24.92 3.29 -13.98
N ALA C 19 23.74 2.97 -13.45
CA ALA C 19 23.09 1.70 -13.67
C ALA C 19 21.70 1.97 -14.17
N THR C 20 21.34 1.34 -15.29
CA THR C 20 20.07 1.60 -15.93
C THR C 20 19.24 0.31 -15.95
N LEU C 21 18.24 0.24 -15.07
CA LEU C 21 17.37 -0.92 -14.97
C LEU C 21 16.23 -0.78 -15.99
N SER C 22 15.89 -1.86 -16.69
CA SER C 22 14.81 -1.83 -17.68
C SER C 22 13.63 -2.67 -17.25
N CYS C 23 12.45 -2.35 -17.77
CA CYS C 23 11.20 -3.04 -17.42
C CYS C 23 10.21 -3.00 -18.58
N ARG C 24 9.71 -4.16 -19.00
CA ARG C 24 8.88 -4.24 -20.21
C ARG C 24 7.59 -4.98 -19.98
N ALA C 25 6.50 -4.46 -20.54
CA ALA C 25 5.14 -4.92 -20.23
C ALA C 25 4.57 -5.82 -21.31
N SER C 26 3.61 -6.66 -20.92
CA SER C 26 2.82 -7.44 -21.85
C SER C 26 2.10 -6.54 -22.86
N GLN C 27 1.28 -5.63 -22.33
CA GLN C 27 0.58 -4.61 -23.12
C GLN C 27 0.92 -3.24 -22.53
N THR C 28 0.40 -2.16 -23.11
CA THR C 28 0.64 -0.81 -22.57
C THR C 28 0.04 -0.70 -21.18
N ILE C 29 0.79 -0.11 -20.26
CA ILE C 29 0.42 -0.06 -18.84
C ILE C 29 -0.45 1.15 -18.58
N SER C 30 -1.30 1.44 -19.55
CA SER C 30 -1.57 2.80 -19.93
C SER C 30 -0.11 3.30 -20.22
N ASN C 31 0.17 4.57 -19.88
CA ASN C 31 1.53 5.06 -19.52
C ASN C 31 1.46 5.76 -18.15
N ASN C 32 0.31 6.39 -17.89
CA ASN C 32 -0.02 6.71 -16.53
C ASN C 32 0.17 5.44 -15.73
N PHE C 33 0.98 5.56 -14.68
CA PHE C 33 1.13 4.55 -13.64
C PHE C 33 2.17 3.50 -13.99
N VAL C 34 3.37 3.75 -13.52
CA VAL C 34 4.41 2.74 -13.46
C VAL C 34 5.34 3.23 -12.37
N ALA C 35 5.55 2.38 -11.36
CA ALA C 35 6.34 2.76 -10.19
C ALA C 35 7.62 1.93 -10.13
N TRP C 36 8.59 2.45 -9.40
CA TRP C 36 9.84 1.75 -9.14
C TRP C 36 10.09 1.75 -7.64
N TYR C 37 10.28 0.56 -7.08
CA TYR C 37 10.58 0.43 -5.67
C TYR C 37 11.96 -0.15 -5.49
N GLN C 38 12.62 0.28 -4.42
CA GLN C 38 13.88 -0.29 -4.00
C GLN C 38 13.64 -1.01 -2.68
N GLN C 39 13.89 -2.33 -2.67
CA GLN C 39 13.83 -3.13 -1.44
C GLN C 39 15.22 -3.55 -0.99
N LYS C 40 15.51 -3.31 0.28
CA LYS C 40 16.75 -3.79 0.88
C LYS C 40 16.41 -5.02 1.73
N PRO C 41 17.40 -5.90 1.96
CA PRO C 41 17.19 -7.12 2.71
C PRO C 41 16.47 -6.88 4.02
N GLY C 42 15.49 -7.72 4.34
CA GLY C 42 14.78 -7.64 5.62
C GLY C 42 13.70 -6.59 5.67
N GLN C 43 13.93 -5.44 5.05
CA GLN C 43 12.97 -4.34 5.07
C GLN C 43 11.85 -4.49 4.04
N ALA C 44 10.86 -3.63 4.17
CA ALA C 44 9.83 -3.45 3.16
C ALA C 44 10.44 -2.74 1.95
N PRO C 45 9.66 -2.61 0.87
CA PRO C 45 10.12 -1.85 -0.28
C PRO C 45 9.90 -0.36 -0.08
N ARG C 46 10.44 0.44 -1.01
CA ARG C 46 10.50 1.88 -0.82
C ARG C 46 10.23 2.58 -2.13
N LEU C 47 9.16 3.38 -2.18
CA LEU C 47 8.75 4.05 -3.42
C LEU C 47 9.83 5.03 -3.86
N LEU C 48 10.32 4.85 -5.08
CA LEU C 48 11.30 5.76 -5.64
C LEU C 48 10.60 6.67 -6.63
N ILE C 49 10.09 6.08 -7.71
CA ILE C 49 9.44 6.81 -8.80
C ILE C 49 8.00 6.34 -8.96
N TYR C 50 7.15 7.23 -9.46
CA TYR C 50 5.74 6.90 -9.73
C TYR C 50 5.23 7.60 -10.96
N GLY C 51 4.09 7.13 -11.45
CA GLY C 51 3.51 7.66 -12.67
C GLY C 51 4.27 7.14 -13.89
N ALA C 52 5.57 7.37 -13.89
CA ALA C 52 6.44 6.92 -14.96
C ALA C 52 7.78 7.58 -14.78
N SER C 53 7.72 8.89 -14.57
CA SER C 53 8.90 9.71 -14.54
C SER C 53 9.08 10.52 -13.26
N THR C 54 8.01 10.97 -12.63
CA THR C 54 8.15 11.87 -11.47
C THR C 54 8.40 11.06 -10.22
N ARG C 55 9.31 11.55 -9.39
CA ARG C 55 9.88 10.79 -8.27
C ARG C 55 9.24 11.18 -6.96
N ALA C 56 9.07 10.20 -6.07
CA ALA C 56 8.35 10.41 -4.81
C ALA C 56 9.12 11.32 -3.88
N THR C 57 8.42 11.86 -2.88
CA THR C 57 8.99 12.91 -2.02
C THR C 57 10.21 12.37 -1.30
N GLY C 58 11.24 13.21 -1.18
CA GLY C 58 12.45 12.86 -0.44
C GLY C 58 13.47 12.01 -1.20
N ILE C 59 13.14 11.54 -2.40
CA ILE C 59 14.07 10.75 -3.18
C ILE C 59 15.04 11.70 -3.86
N PRO C 60 16.34 11.36 -3.88
CA PRO C 60 17.32 12.25 -4.52
C PRO C 60 17.34 12.14 -6.05
N ASP C 61 17.76 13.24 -6.69
CA ASP C 61 17.78 13.39 -8.15
C ASP C 61 18.52 12.27 -8.85
N ARG C 62 19.49 11.69 -8.15
CA ARG C 62 20.17 10.47 -8.56
C ARG C 62 19.19 9.52 -9.25
N PHE C 63 18.09 9.22 -8.57
CA PHE C 63 17.06 8.33 -9.10
C PHE C 63 16.19 9.03 -10.13
N SER C 64 15.90 8.33 -11.22
CA SER C 64 15.29 8.97 -12.38
C SER C 64 14.49 8.00 -13.24
N GLY C 65 13.24 8.34 -13.53
CA GLY C 65 12.34 7.45 -14.27
C GLY C 65 12.06 7.99 -15.66
N SER C 66 11.74 7.08 -16.58
CA SER C 66 11.43 7.45 -17.97
C SER C 66 10.93 6.26 -18.78
N GLY C 67 10.23 6.56 -19.86
CA GLY C 67 9.75 5.52 -20.77
C GLY C 67 8.47 5.85 -21.49
N SER C 68 8.03 4.92 -22.31
CA SER C 68 6.77 5.05 -23.04
C SER C 68 6.39 3.71 -23.63
N GLY C 69 5.13 3.61 -24.05
CA GLY C 69 4.62 2.38 -24.65
C GLY C 69 4.73 1.22 -23.69
N THR C 70 5.60 0.27 -24.03
CA THR C 70 5.76 -0.95 -23.26
C THR C 70 7.20 -1.13 -22.76
N ASP C 71 7.91 -0.03 -22.56
CA ASP C 71 9.30 -0.07 -22.08
C ASP C 71 9.62 1.10 -21.13
N PHE C 72 9.88 0.78 -19.86
CA PHE C 72 10.19 1.78 -18.85
C PHE C 72 11.52 1.47 -18.19
N THR C 73 12.23 2.51 -17.77
CA THR C 73 13.64 2.38 -17.40
C THR C 73 14.09 3.35 -16.31
N LEU C 74 14.49 2.77 -15.17
CA LEU C 74 15.05 3.51 -14.03
C LEU C 74 16.57 3.70 -14.18
N THR C 75 17.04 4.92 -13.94
CA THR C 75 18.45 5.24 -14.06
C THR C 75 19.01 5.84 -12.77
N ILE C 76 19.99 5.15 -12.19
CA ILE C 76 20.76 5.67 -11.06
C ILE C 76 21.95 6.45 -11.63
N SER C 77 21.91 7.78 -11.46
CA SER C 77 22.89 8.68 -12.08
C SER C 77 24.31 8.30 -11.71
N SER C 78 24.52 8.09 -10.43
CA SER C 78 25.84 7.86 -9.90
C SER C 78 25.71 7.01 -8.64
N LEU C 79 25.83 5.69 -8.80
CA LEU C 79 25.56 4.75 -7.72
C LEU C 79 26.26 5.11 -6.41
N GLU C 80 25.51 5.02 -5.32
CA GLU C 80 26.02 5.36 -4.01
C GLU C 80 25.94 4.08 -3.16
N PRO C 81 26.93 3.85 -2.27
CA PRO C 81 26.95 2.66 -1.42
C PRO C 81 25.59 2.10 -1.05
N GLU C 82 24.72 2.94 -0.50
CA GLU C 82 23.40 2.48 -0.04
C GLU C 82 22.45 1.99 -1.15
N ASP C 83 22.72 2.35 -2.40
CA ASP C 83 21.83 2.05 -3.52
C ASP C 83 21.88 0.59 -3.99
N PHE C 84 22.84 -0.18 -3.49
CA PHE C 84 22.96 -1.59 -3.86
C PHE C 84 21.89 -2.43 -3.17
N ALA C 85 20.83 -2.73 -3.92
CA ALA C 85 19.70 -3.51 -3.43
C ALA C 85 18.95 -4.16 -4.59
N VAL C 86 17.74 -4.65 -4.32
CA VAL C 86 16.85 -5.14 -5.38
C VAL C 86 15.98 -3.98 -5.84
N TYR C 87 15.56 -4.02 -7.10
CA TYR C 87 14.69 -2.99 -7.66
C TYR C 87 13.49 -3.62 -8.37
N TYR C 88 12.28 -3.15 -8.04
CA TYR C 88 11.06 -3.71 -8.60
C TYR C 88 10.25 -2.65 -9.33
N CYS C 89 10.01 -2.86 -10.62
CA CYS C 89 9.06 -2.04 -11.37
C CYS C 89 7.65 -2.62 -11.16
N GLN C 90 6.64 -1.78 -11.32
CA GLN C 90 5.24 -2.24 -11.29
C GLN C 90 4.36 -1.33 -12.11
N GLN C 91 3.29 -1.88 -12.69
CA GLN C 91 2.18 -1.06 -13.20
C GLN C 91 1.07 -1.12 -12.19
N TYR C 92 0.46 0.04 -11.97
CA TYR C 92 -0.62 0.16 -11.02
C TYR C 92 -1.84 0.83 -11.63
N GLY C 93 -1.98 0.65 -12.94
CA GLY C 93 -3.15 1.10 -13.69
C GLY C 93 -4.23 0.03 -13.73
N SER C 94 -3.94 -1.05 -14.44
CA SER C 94 -4.91 -2.13 -14.60
C SER C 94 -4.75 -3.16 -13.49
N SER C 95 -5.87 -3.60 -12.94
CA SER C 95 -5.89 -4.75 -12.06
C SER C 95 -5.72 -6.02 -12.91
N PRO C 96 -5.00 -7.02 -12.39
CA PRO C 96 -4.27 -7.03 -11.13
C PRO C 96 -3.03 -6.18 -11.26
N TYR C 97 -2.68 -5.49 -10.19
CA TYR C 97 -1.60 -4.50 -10.24
C TYR C 97 -0.27 -5.24 -10.22
N THR C 98 0.19 -5.62 -11.40
CA THR C 98 1.31 -6.56 -11.51
C THR C 98 2.64 -5.90 -11.17
N PHE C 99 3.54 -6.72 -10.61
CA PHE C 99 4.92 -6.35 -10.27
C PHE C 99 5.90 -7.09 -11.17
N GLY C 100 7.03 -6.46 -11.48
CA GLY C 100 8.12 -7.13 -12.19
C GLY C 100 8.78 -8.18 -11.31
N GLN C 101 9.61 -9.02 -11.90
CA GLN C 101 10.22 -10.10 -11.14
C GLN C 101 11.35 -9.59 -10.27
N GLY C 102 12.02 -8.52 -10.70
CA GLY C 102 13.05 -7.87 -9.90
C GLY C 102 14.45 -7.96 -10.49
N THR C 103 15.15 -6.82 -10.54
CA THR C 103 16.54 -6.79 -10.98
C THR C 103 17.41 -6.34 -9.79
N LYS C 104 18.42 -7.14 -9.48
CA LYS C 104 19.33 -6.86 -8.37
C LYS C 104 20.56 -6.10 -8.84
N VAL C 105 20.98 -5.10 -8.07
CA VAL C 105 22.29 -4.49 -8.28
C VAL C 105 23.23 -4.96 -7.18
N ASP C 106 24.51 -5.03 -7.55
CA ASP C 106 25.47 -5.94 -6.93
C ASP C 106 26.87 -5.30 -7.00
N ILE C 107 27.44 -4.96 -5.84
CA ILE C 107 28.80 -4.38 -5.82
C ILE C 107 29.82 -5.32 -6.44
N LYS C 108 30.64 -4.80 -7.35
CA LYS C 108 31.50 -5.63 -8.19
C LYS C 108 32.94 -5.68 -7.69
N ARG C 109 33.42 -6.90 -7.40
CA ARG C 109 34.83 -7.17 -7.12
C ARG C 109 35.44 -8.00 -8.27
N ALA C 110 36.68 -8.45 -8.12
CA ALA C 110 37.30 -9.32 -9.11
C ALA C 110 36.66 -10.72 -9.10
N ASP C 111 36.43 -11.29 -10.29
CA ASP C 111 35.82 -12.63 -10.38
C ASP C 111 36.61 -13.62 -9.53
N ALA C 112 35.89 -14.49 -8.82
CA ALA C 112 36.52 -15.48 -7.94
C ALA C 112 35.85 -16.84 -8.11
N ALA C 113 36.67 -17.87 -8.28
CA ALA C 113 36.16 -19.23 -8.39
C ALA C 113 35.78 -19.75 -7.01
N PRO C 114 34.82 -20.69 -6.95
CA PRO C 114 34.37 -21.25 -5.68
C PRO C 114 35.34 -22.27 -5.08
N THR C 115 35.34 -22.38 -3.75
CA THR C 115 36.06 -23.45 -3.04
C THR C 115 35.05 -24.49 -2.56
N VAL C 116 35.06 -25.66 -3.19
CA VAL C 116 34.04 -26.68 -2.96
C VAL C 116 34.46 -27.62 -1.84
N SER C 117 33.49 -28.01 -1.02
CA SER C 117 33.69 -29.03 0.00
C SER C 117 32.43 -29.90 0.08
N ILE C 118 32.61 -31.21 0.14
CA ILE C 118 31.48 -32.15 0.18
C ILE C 118 31.45 -32.93 1.49
N PHE C 119 30.25 -33.24 1.98
CA PHE C 119 30.08 -33.90 3.27
C PHE C 119 29.05 -35.02 3.19
N PRO C 120 29.47 -36.26 3.53
CA PRO C 120 28.54 -37.38 3.61
C PRO C 120 27.57 -37.28 4.78
N PRO C 121 26.47 -38.05 4.74
CA PRO C 121 25.52 -38.06 5.83
C PRO C 121 26.20 -38.41 7.14
N SER C 122 25.70 -37.82 8.21
CA SER C 122 26.15 -38.14 9.55
C SER C 122 25.64 -39.52 9.95
N SER C 123 26.31 -40.14 10.92
CA SER C 123 25.82 -41.41 11.47
C SER C 123 24.50 -41.17 12.17
N GLU C 124 24.43 -40.09 12.94
CA GLU C 124 23.21 -39.73 13.66
C GLU C 124 22.00 -39.70 12.70
N GLN C 125 22.10 -38.96 11.58
CA GLN C 125 20.98 -38.83 10.62
C GLN C 125 20.65 -40.19 9.98
N LEU C 126 21.68 -40.98 9.69
CA LEU C 126 21.50 -42.30 9.10
C LEU C 126 20.73 -43.23 10.03
N THR C 127 20.91 -43.09 11.34
CA THR C 127 20.13 -43.88 12.29
C THR C 127 18.64 -43.52 12.20
N SER C 128 18.35 -42.25 11.93
CA SER C 128 16.96 -41.79 11.78
C SER C 128 16.34 -42.19 10.43
N GLY C 129 17.13 -42.77 9.54
CA GLY C 129 16.63 -43.21 8.23
C GLY C 129 16.65 -42.13 7.17
N GLY C 130 17.41 -41.05 7.41
CA GLY C 130 17.58 -39.98 6.44
C GLY C 130 19.03 -39.91 6.00
N ALA C 131 19.28 -39.29 4.85
CA ALA C 131 20.64 -39.18 4.32
C ALA C 131 20.79 -37.92 3.48
N SER C 132 21.36 -36.88 4.09
CA SER C 132 21.59 -35.62 3.40
C SER C 132 23.07 -35.48 3.07
N VAL C 133 23.35 -35.23 1.79
CA VAL C 133 24.70 -34.95 1.33
C VAL C 133 24.80 -33.45 1.10
N VAL C 134 25.76 -32.81 1.76
CA VAL C 134 25.89 -31.35 1.71
C VAL C 134 27.13 -30.92 0.93
N CYS C 135 26.97 -29.85 0.16
CA CYS C 135 28.07 -29.29 -0.63
CA CYS C 135 28.04 -29.28 -0.64
C CYS C 135 28.14 -27.78 -0.44
N PHE C 136 29.27 -27.31 0.11
CA PHE C 136 29.51 -25.88 0.27
C PHE C 136 30.33 -25.35 -0.88
N LEU C 137 29.79 -24.34 -1.56
CA LEU C 137 30.53 -23.58 -2.53
C LEU C 137 30.84 -22.25 -1.83
N ASN C 138 32.12 -22.02 -1.50
CA ASN C 138 32.50 -20.89 -0.64
C ASN C 138 33.36 -19.82 -1.33
N ASN C 139 33.00 -18.56 -1.10
CA ASN C 139 33.79 -17.39 -1.50
C ASN C 139 34.04 -17.27 -3.00
N PHE C 140 32.96 -17.13 -3.75
CA PHE C 140 33.03 -16.93 -5.19
C PHE C 140 32.38 -15.61 -5.59
N TYR C 141 32.66 -15.17 -6.81
CA TYR C 141 32.01 -13.98 -7.39
C TYR C 141 32.10 -14.07 -8.91
N PRO C 142 31.01 -13.72 -9.64
CA PRO C 142 29.72 -13.21 -9.20
C PRO C 142 28.78 -14.28 -8.66
N LYS C 143 27.61 -13.83 -8.21
CA LYS C 143 26.69 -14.63 -7.42
C LYS C 143 26.11 -15.84 -8.14
N ASP C 144 25.81 -15.72 -9.43
CA ASP C 144 25.19 -16.85 -10.13
CA ASP C 144 25.21 -16.83 -10.19
C ASP C 144 26.18 -18.00 -10.24
N ILE C 145 25.68 -19.18 -9.90
CA ILE C 145 26.48 -20.40 -9.94
C ILE C 145 25.52 -21.55 -10.14
N ASN C 146 26.02 -22.64 -10.74
CA ASN C 146 25.23 -23.84 -10.95
CA ASN C 146 25.23 -23.84 -10.95
C ASN C 146 25.84 -25.01 -10.19
N VAL C 147 25.01 -25.69 -9.40
CA VAL C 147 25.46 -26.89 -8.69
C VAL C 147 24.74 -28.07 -9.32
N LYS C 148 25.50 -29.12 -9.62
CA LYS C 148 24.95 -30.34 -10.21
C LYS C 148 25.35 -31.53 -9.35
N TRP C 149 24.36 -32.29 -8.90
CA TRP C 149 24.60 -33.50 -8.13
C TRP C 149 24.63 -34.71 -9.05
N LYS C 150 25.59 -35.60 -8.83
CA LYS C 150 25.66 -36.86 -9.56
C LYS C 150 25.80 -38.04 -8.62
N ILE C 151 24.90 -39.01 -8.76
CA ILE C 151 24.91 -40.24 -7.97
C ILE C 151 25.31 -41.38 -8.91
N ASP C 152 26.44 -42.02 -8.62
CA ASP C 152 27.01 -43.03 -9.52
C ASP C 152 27.12 -42.51 -10.96
N GLY C 153 27.42 -41.22 -11.10
CA GLY C 153 27.66 -40.61 -12.40
C GLY C 153 26.48 -39.90 -13.05
N SER C 154 25.25 -40.25 -12.64
CA SER C 154 24.04 -39.70 -13.24
C SER C 154 23.54 -38.50 -12.44
N GLU C 155 23.09 -37.45 -13.13
CA GLU C 155 22.57 -36.27 -12.44
C GLU C 155 21.31 -36.58 -11.66
N ARG C 156 21.23 -36.00 -10.46
CA ARG C 156 20.06 -36.12 -9.58
C ARG C 156 19.52 -34.70 -9.36
N GLN C 157 18.21 -34.51 -9.56
CA GLN C 157 17.62 -33.16 -9.45
C GLN C 157 16.63 -32.95 -8.32
N ASN C 158 15.81 -33.96 -8.02
CA ASN C 158 14.86 -33.84 -6.90
C ASN C 158 15.59 -33.92 -5.55
N GLY C 159 14.96 -33.35 -4.51
CA GLY C 159 15.51 -33.38 -3.16
C GLY C 159 16.68 -32.45 -2.88
N VAL C 160 16.89 -31.48 -3.77
CA VAL C 160 18.01 -30.53 -3.64
C VAL C 160 17.52 -29.17 -3.15
N LEU C 161 18.13 -28.70 -2.07
CA LEU C 161 17.80 -27.42 -1.45
C LEU C 161 19.07 -26.56 -1.51
N ASN C 162 18.96 -25.40 -2.14
CA ASN C 162 20.09 -24.47 -2.25
C ASN C 162 19.84 -23.22 -1.43
N SER C 163 20.92 -22.62 -0.95
CA SER C 163 20.81 -21.39 -0.16
C SER C 163 22.03 -20.52 -0.31
N TRP C 164 21.86 -19.33 -0.88
CA TRP C 164 22.93 -18.36 -1.03
C TRP C 164 23.01 -17.46 0.21
N THR C 165 24.23 -17.07 0.57
CA THR C 165 24.45 -16.01 1.53
C THR C 165 24.32 -14.66 0.82
N ASP C 166 24.16 -13.59 1.60
CA ASP C 166 24.21 -12.24 1.04
C ASP C 166 25.68 -11.91 0.78
N GLN C 167 25.93 -10.92 -0.06
CA GLN C 167 27.30 -10.52 -0.38
C GLN C 167 28.08 -10.16 0.87
N ASP C 168 29.31 -10.64 0.95
CA ASP C 168 30.15 -10.45 2.14
C ASP C 168 30.55 -8.98 2.27
N SER C 169 30.43 -8.45 3.48
CA SER C 169 30.71 -7.06 3.75
C SER C 169 32.19 -6.73 3.69
N LYS C 170 33.04 -7.74 3.87
CA LYS C 170 34.47 -7.52 3.85
C LYS C 170 35.02 -7.80 2.45
N ASP C 171 34.91 -9.06 2.00
CA ASP C 171 35.54 -9.48 0.74
C ASP C 171 34.61 -9.48 -0.49
N SER C 172 33.35 -9.07 -0.31
CA SER C 172 32.39 -8.94 -1.44
C SER C 172 32.16 -10.23 -2.26
N THR C 173 32.36 -11.39 -1.63
CA THR C 173 32.09 -12.67 -2.28
C THR C 173 30.74 -13.22 -1.82
N TYR C 174 30.33 -14.30 -2.47
CA TYR C 174 29.15 -15.06 -2.09
C TYR C 174 29.54 -16.49 -1.79
N SER C 175 28.76 -17.13 -0.93
CA SER C 175 28.89 -18.56 -0.66
C SER C 175 27.51 -19.18 -0.72
N MET C 176 27.43 -20.42 -1.20
CA MET C 176 26.15 -21.12 -1.23
C MET C 176 26.29 -22.57 -0.79
N SER C 177 25.18 -23.08 -0.26
CA SER C 177 25.11 -24.40 0.30
C SER C 177 24.06 -25.21 -0.46
N SER C 178 24.43 -26.41 -0.89
CA SER C 178 23.52 -27.29 -1.60
C SER C 178 23.33 -28.59 -0.83
N THR C 179 22.09 -28.93 -0.50
CA THR C 179 21.77 -30.09 0.33
C THR C 179 20.90 -31.11 -0.40
N LEU C 180 21.50 -32.23 -0.78
CA LEU C 180 20.76 -33.32 -1.41
C LEU C 180 20.24 -34.27 -0.33
N THR C 181 18.92 -34.31 -0.13
CA THR C 181 18.29 -35.15 0.89
C THR C 181 17.67 -36.43 0.31
N LEU C 182 18.21 -37.58 0.70
CA LEU C 182 17.71 -38.89 0.27
C LEU C 182 17.18 -39.65 1.46
N THR C 183 16.51 -40.77 1.20
CA THR C 183 16.22 -41.76 2.25
C THR C 183 17.48 -42.58 2.44
N LYS C 184 17.65 -43.15 3.63
CA LYS C 184 18.81 -44.01 3.89
C LYS C 184 18.88 -45.14 2.86
N ASP C 185 17.73 -45.72 2.52
CA ASP C 185 17.66 -46.78 1.51
C ASP C 185 18.12 -46.30 0.15
N GLU C 186 17.69 -45.11 -0.24
CA GLU C 186 18.11 -44.50 -1.51
C GLU C 186 19.61 -44.19 -1.49
N TYR C 187 20.13 -43.78 -0.34
CA TYR C 187 21.54 -43.48 -0.19
C TYR C 187 22.39 -44.76 -0.28
N GLU C 188 21.91 -45.83 0.34
CA GLU C 188 22.60 -47.12 0.31
C GLU C 188 22.46 -47.85 -1.04
N ARG C 189 21.55 -47.38 -1.89
CA ARG C 189 21.38 -47.92 -3.25
C ARG C 189 22.54 -47.61 -4.20
N HIS C 190 23.30 -46.57 -3.90
CA HIS C 190 24.36 -46.09 -4.80
C HIS C 190 25.66 -45.88 -4.03
N ASN C 191 26.74 -45.61 -4.75
CA ASN C 191 28.06 -45.54 -4.13
C ASN C 191 28.75 -44.17 -4.26
N SER C 192 28.88 -43.68 -5.49
CA SER C 192 29.61 -42.44 -5.78
C SER C 192 28.72 -41.20 -5.71
N TYR C 193 29.11 -40.25 -4.86
CA TYR C 193 28.36 -39.01 -4.68
C TYR C 193 29.22 -37.79 -5.01
N THR C 194 28.79 -37.07 -6.04
CA THR C 194 29.59 -35.98 -6.61
C THR C 194 28.78 -34.69 -6.66
N CYS C 195 29.47 -33.59 -6.39
CA CYS C 195 28.87 -32.24 -6.52
CA CYS C 195 28.92 -32.27 -6.48
C CYS C 195 29.77 -31.42 -7.43
N GLU C 196 29.16 -30.87 -8.48
CA GLU C 196 29.90 -30.13 -9.52
C GLU C 196 29.44 -28.70 -9.64
N ALA C 197 30.35 -27.76 -9.37
CA ALA C 197 30.05 -26.35 -9.42
C ALA C 197 30.52 -25.76 -10.75
N THR C 198 29.57 -25.24 -11.54
CA THR C 198 29.91 -24.49 -12.76
C THR C 198 29.66 -23.01 -12.51
N HIS C 199 30.71 -22.22 -12.68
CA HIS C 199 30.70 -20.79 -12.37
C HIS C 199 31.27 -20.04 -13.57
N LYS C 200 30.95 -18.75 -13.67
CA LYS C 200 31.46 -17.87 -14.74
C LYS C 200 32.99 -17.95 -14.92
N THR C 201 33.72 -18.14 -13.82
CA THR C 201 35.19 -18.16 -13.83
C THR C 201 35.80 -19.26 -14.70
N SER C 202 35.05 -20.34 -14.95
CA SER C 202 35.55 -21.42 -15.81
C SER C 202 34.42 -22.29 -16.31
N THR C 203 34.58 -22.76 -17.54
CA THR C 203 33.67 -23.71 -18.13
C THR C 203 33.97 -25.12 -17.61
N SER C 204 35.13 -25.29 -16.96
CA SER C 204 35.46 -26.52 -16.25
C SER C 204 34.72 -26.56 -14.91
N PRO C 205 33.94 -27.63 -14.68
CA PRO C 205 33.26 -27.72 -13.38
C PRO C 205 34.27 -27.95 -12.25
N ILE C 206 33.99 -27.34 -11.10
CA ILE C 206 34.81 -27.54 -9.92
C ILE C 206 34.11 -28.62 -9.10
N VAL C 207 34.83 -29.72 -8.86
CA VAL C 207 34.19 -30.96 -8.42
C VAL C 207 34.77 -31.54 -7.11
N LYS C 208 33.88 -32.00 -6.24
CA LYS C 208 34.25 -32.82 -5.10
C LYS C 208 33.38 -34.07 -5.08
N SER C 209 33.95 -35.16 -4.58
CA SER C 209 33.28 -36.46 -4.61
C SER C 209 33.72 -37.35 -3.46
N PHE C 210 32.88 -38.33 -3.14
CA PHE C 210 33.26 -39.41 -2.22
C PHE C 210 32.46 -40.67 -2.54
N ASN C 211 32.93 -41.81 -2.04
CA ASN C 211 32.22 -43.07 -2.20
C ASN C 211 31.69 -43.57 -0.86
N ARG C 212 30.39 -43.86 -0.82
CA ARG C 212 29.73 -44.27 0.42
C ARG C 212 30.49 -45.42 1.08
N ASN C 213 30.80 -46.44 0.29
CA ASN C 213 31.48 -47.64 0.81
C ASN C 213 32.95 -47.41 1.20
N GLU C 214 33.29 -46.16 1.49
CA GLU C 214 34.63 -45.78 1.93
C GLU C 214 34.50 -44.73 3.02
#